data_6N8W
#
_entry.id   6N8W
#
_cell.length_a   175.25
_cell.length_b   70.249
_cell.length_c   101.606
_cell.angle_alpha   90.0
_cell.angle_beta   123.451
_cell.angle_gamma   90.0
#
_symmetry.space_group_name_H-M   'C 1 2 1'
#
loop_
_entity.id
_entity.type
_entity.pdbx_description
1 polymer 'Heat shock protein HSP 90-beta'
2 non-polymer GLYCEROL
3 water water
#
_entity_poly.entity_id   1
_entity_poly.type   'polypeptide(L)'
_entity_poly.pdbx_seq_one_letter_code
;MGSSHHHHHHSSGLVPRGSHMPEEVHHGEEEVETFAFQAEIAQLMSLIINTFYSNKEIFLRELISNASDALDKIRYESLT
DPSKLDSGKELKIDIIPNPQERTLTLVDTGIGMTKADLINNLGTIAKSGTKAFMEALQAGADISMIGQFGVGFYSAYLVA
EKVVVITKHNDDEQYAWESSAGGSFTVRADHGEPIGRGTKVILHLKEDQTEYLEERRVKEVVKKHSQFIGYPITLYLEKE
REKEISDDEAE
;
_entity_poly.pdbx_strand_id   A,B,C,D
#
# COMPACT_ATOMS: atom_id res chain seq x y z
N SER A 19 -4.75 35.70 2.97
CA SER A 19 -5.68 36.78 2.65
C SER A 19 -7.10 36.26 2.42
N HIS A 20 -7.28 34.95 2.61
CA HIS A 20 -8.59 34.34 2.39
C HIS A 20 -9.14 33.74 3.68
N MET A 21 -10.35 33.19 3.60
CA MET A 21 -11.02 32.63 4.78
C MET A 21 -10.97 31.10 4.79
N PRO A 22 -10.31 30.52 5.79
CA PRO A 22 -10.21 29.07 5.97
C PRO A 22 -11.42 28.47 6.68
N GLU A 23 -11.76 27.23 6.34
CA GLU A 23 -12.90 26.55 6.95
C GLU A 23 -12.71 25.02 6.90
N GLU A 24 -12.30 24.45 8.03
CA GLU A 24 -12.03 23.01 8.09
C GLU A 24 -13.29 22.18 7.90
N VAL A 25 -13.51 21.72 6.68
CA VAL A 25 -14.70 20.93 6.35
C VAL A 25 -14.65 19.56 7.01
N HIS A 26 -13.48 18.92 6.99
CA HIS A 26 -13.31 17.61 7.58
C HIS A 26 -12.03 17.57 8.42
N HIS A 27 -12.15 17.17 9.68
CA HIS A 27 -11.02 17.15 10.59
C HIS A 27 -10.08 15.98 10.31
N GLY A 28 -10.64 14.91 9.76
CA GLY A 28 -9.88 13.71 9.48
C GLY A 28 -10.16 12.63 10.52
N GLU A 29 -9.10 11.93 10.93
CA GLU A 29 -9.24 10.89 11.94
C GLU A 29 -9.45 11.50 13.33
N GLU A 30 -10.22 10.81 14.16
CA GLU A 30 -10.49 11.28 15.52
C GLU A 30 -9.22 11.32 16.35
N GLU A 31 -9.01 12.43 17.05
CA GLU A 31 -7.81 12.61 17.85
C GLU A 31 -7.87 11.86 19.18
N VAL A 32 -9.00 11.18 19.41
CA VAL A 32 -9.16 10.35 20.61
C VAL A 32 -10.27 9.33 20.39
N GLU A 33 -9.89 8.06 20.29
CA GLU A 33 -10.84 6.99 20.04
C GLU A 33 -11.12 6.19 21.31
N THR A 34 -12.37 6.23 21.77
CA THR A 34 -12.75 5.56 23.00
C THR A 34 -13.28 4.15 22.74
N PHE A 35 -12.41 3.16 22.94
CA PHE A 35 -12.80 1.76 22.80
C PHE A 35 -13.29 1.21 24.14
N ALA A 36 -13.90 0.04 24.11
CA ALA A 36 -14.43 -0.57 25.33
C ALA A 36 -13.81 -1.95 25.56
N PHE A 37 -13.34 -2.19 26.78
CA PHE A 37 -12.77 -3.48 27.15
C PHE A 37 -13.79 -4.60 26.96
N GLN A 38 -13.29 -5.83 26.86
CA GLN A 38 -14.18 -6.99 26.84
C GLN A 38 -14.81 -7.16 28.21
N ALA A 39 -15.82 -8.01 28.29
CA ALA A 39 -16.56 -8.22 29.53
C ALA A 39 -15.65 -8.62 30.69
N GLU A 40 -14.94 -9.72 30.51
CA GLU A 40 -14.06 -10.25 31.55
C GLU A 40 -12.93 -9.31 31.92
N ILE A 41 -12.35 -8.65 30.90
CA ILE A 41 -11.21 -7.76 31.12
C ILE A 41 -11.55 -6.61 32.07
N ALA A 42 -12.62 -5.89 31.76
CA ALA A 42 -13.05 -4.78 32.61
C ALA A 42 -13.61 -5.29 33.93
N GLN A 43 -13.97 -6.56 33.96
CA GLN A 43 -14.49 -7.20 35.17
C GLN A 43 -13.35 -7.46 36.16
N LEU A 44 -12.17 -7.78 35.63
CA LEU A 44 -11.00 -8.03 36.47
C LEU A 44 -10.36 -6.74 36.94
N MET A 45 -10.32 -5.74 36.06
CA MET A 45 -9.70 -4.46 36.38
C MET A 45 -10.37 -3.79 37.57
N SER A 46 -11.67 -4.03 37.72
CA SER A 46 -12.41 -3.46 38.84
C SER A 46 -12.08 -4.21 40.13
N LEU A 47 -11.92 -5.52 40.03
CA LEU A 47 -11.54 -6.35 41.17
C LEU A 47 -10.16 -5.96 41.68
N ILE A 48 -9.23 -5.78 40.76
CA ILE A 48 -7.85 -5.43 41.08
C ILE A 48 -7.77 -4.07 41.77
N ILE A 49 -8.66 -3.17 41.40
CA ILE A 49 -8.69 -1.84 42.00
C ILE A 49 -9.33 -1.87 43.40
N ASN A 50 -10.34 -2.72 43.57
CA ASN A 50 -11.12 -2.71 44.81
C ASN A 50 -10.59 -3.61 45.93
N THR A 51 -9.88 -4.68 45.59
CA THR A 51 -9.35 -5.59 46.62
C THR A 51 -8.29 -4.91 47.47
N PHE A 52 -8.15 -5.38 48.71
CA PHE A 52 -7.22 -4.75 49.66
C PHE A 52 -5.92 -5.55 49.74
N TYR A 53 -5.47 -6.07 48.59
CA TYR A 53 -4.32 -6.97 48.55
C TYR A 53 -3.05 -6.28 49.01
N SER A 54 -2.46 -6.80 50.09
CA SER A 54 -1.27 -6.21 50.70
C SER A 54 -0.02 -6.46 49.86
N ASN A 55 0.16 -7.70 49.43
CA ASN A 55 1.28 -8.06 48.57
C ASN A 55 1.07 -7.52 47.16
N LYS A 56 1.06 -6.20 47.04
CA LYS A 56 0.77 -5.54 45.77
C LYS A 56 2.05 -5.04 45.09
N GLU A 57 3.17 -5.66 45.43
CA GLU A 57 4.45 -5.28 44.85
C GLU A 57 4.72 -6.07 43.57
N ILE A 58 3.88 -7.07 43.31
CA ILE A 58 4.03 -7.93 42.15
C ILE A 58 3.82 -7.17 40.85
N PHE A 59 3.22 -5.99 40.93
CA PHE A 59 2.97 -5.16 39.76
C PHE A 59 4.28 -4.82 39.06
N LEU A 60 5.33 -4.66 39.85
CA LEU A 60 6.65 -4.33 39.31
C LEU A 60 7.31 -5.56 38.73
N ARG A 61 6.94 -6.73 39.23
CA ARG A 61 7.45 -7.98 38.69
C ARG A 61 6.79 -8.28 37.36
N GLU A 62 5.48 -8.08 37.28
CA GLU A 62 4.72 -8.38 36.09
C GLU A 62 4.97 -7.41 34.95
N LEU A 63 5.10 -6.12 35.28
CA LEU A 63 5.38 -5.10 34.27
C LEU A 63 6.77 -5.26 33.69
N ILE A 64 7.75 -5.57 34.54
CA ILE A 64 9.11 -5.82 34.09
C ILE A 64 9.17 -7.09 33.25
N SER A 65 8.48 -8.13 33.71
CA SER A 65 8.43 -9.39 32.98
C SER A 65 7.83 -9.21 31.60
N ASN A 66 6.76 -8.42 31.51
CA ASN A 66 6.12 -8.12 30.24
C ASN A 66 7.04 -7.30 29.33
N ALA A 67 7.91 -6.51 29.94
CA ALA A 67 8.88 -5.72 29.20
C ALA A 67 9.96 -6.64 28.64
N SER A 68 10.30 -7.68 29.40
CA SER A 68 11.30 -8.66 28.99
C SER A 68 10.80 -9.47 27.80
N ASP A 69 9.48 -9.66 27.72
CA ASP A 69 8.88 -10.38 26.61
C ASP A 69 8.94 -9.56 25.33
N ALA A 70 8.84 -8.24 25.47
CA ALA A 70 8.90 -7.34 24.32
C ALA A 70 10.34 -7.22 23.82
N LEU A 71 11.29 -7.48 24.71
CA LEU A 71 12.71 -7.43 24.36
C LEU A 71 13.15 -8.72 23.69
N ASP A 72 12.52 -9.84 24.07
CA ASP A 72 12.81 -11.12 23.45
C ASP A 72 12.34 -11.13 21.99
N LYS A 73 11.22 -10.47 21.73
CA LYS A 73 10.66 -10.39 20.39
C LYS A 73 11.53 -9.58 19.45
N ILE A 74 11.95 -8.40 19.91
CA ILE A 74 12.77 -7.51 19.08
C ILE A 74 14.16 -8.11 18.85
N ARG A 75 14.56 -9.02 19.74
CA ARG A 75 15.85 -9.70 19.58
C ARG A 75 15.71 -10.83 18.57
N TYR A 76 14.57 -11.52 18.62
CA TYR A 76 14.30 -12.64 17.71
C TYR A 76 14.33 -12.19 16.25
N GLU A 77 13.53 -11.18 15.92
CA GLU A 77 13.39 -10.72 14.55
C GLU A 77 14.63 -9.96 14.07
N SER A 78 15.48 -9.54 14.99
CA SER A 78 16.68 -8.80 14.64
C SER A 78 17.80 -9.73 14.20
N LEU A 79 17.72 -10.98 14.62
CA LEU A 79 18.73 -11.98 14.26
C LEU A 79 18.62 -12.37 12.79
N THR A 80 17.51 -12.01 12.17
CA THR A 80 17.31 -12.24 10.74
C THR A 80 17.19 -10.93 10.00
N ASP A 81 17.27 -9.82 10.74
CA ASP A 81 17.13 -8.49 10.19
C ASP A 81 17.64 -7.44 11.16
N PRO A 82 18.95 -7.14 11.10
CA PRO A 82 19.57 -6.14 11.97
C PRO A 82 19.03 -4.72 11.76
N SER A 83 18.34 -4.51 10.63
CA SER A 83 17.82 -3.19 10.31
C SER A 83 16.62 -2.81 11.18
N LYS A 84 16.08 -3.79 11.90
CA LYS A 84 14.98 -3.54 12.81
C LYS A 84 15.46 -2.89 14.11
N LEU A 85 16.77 -2.77 14.24
CA LEU A 85 17.38 -2.13 15.39
C LEU A 85 17.97 -0.77 15.01
N ASP A 86 17.60 -0.27 13.84
CA ASP A 86 18.09 1.03 13.37
C ASP A 86 17.53 2.16 14.23
N SER A 87 16.41 1.90 14.89
CA SER A 87 15.77 2.89 15.75
C SER A 87 16.30 2.82 17.18
N GLY A 88 16.75 1.64 17.57
CA GLY A 88 17.29 1.44 18.90
C GLY A 88 18.22 0.23 18.96
N LYS A 89 19.48 0.49 19.29
CA LYS A 89 20.49 -0.56 19.32
C LYS A 89 20.46 -1.35 20.61
N GLU A 90 20.36 -0.65 21.74
CA GLU A 90 20.43 -1.30 23.05
C GLU A 90 19.08 -1.80 23.53
N LEU A 91 19.10 -2.92 24.23
CA LEU A 91 17.89 -3.50 24.81
C LEU A 91 17.88 -3.34 26.32
N LYS A 92 17.24 -2.28 26.80
CA LYS A 92 17.28 -1.95 28.23
C LYS A 92 15.89 -1.86 28.86
N ILE A 93 15.87 -1.77 30.18
CA ILE A 93 14.64 -1.59 30.94
C ILE A 93 14.82 -0.48 31.97
N ASP A 94 14.11 0.63 31.77
CA ASP A 94 14.31 1.80 32.63
C ASP A 94 13.16 2.03 33.61
N ILE A 95 13.52 2.34 34.85
CA ILE A 95 12.55 2.67 35.89
C ILE A 95 12.70 4.13 36.28
N ILE A 96 11.73 4.96 35.87
CA ILE A 96 11.82 6.40 36.12
C ILE A 96 10.74 6.87 37.09
N PRO A 97 11.13 7.09 38.35
CA PRO A 97 10.21 7.63 39.35
C PRO A 97 10.06 9.14 39.21
N ASN A 98 8.91 9.67 39.65
CA ASN A 98 8.65 11.10 39.57
C ASN A 98 7.63 11.52 40.62
N PRO A 99 8.10 11.85 41.84
CA PRO A 99 7.26 12.25 42.97
C PRO A 99 6.48 13.53 42.69
N GLN A 100 6.92 14.32 41.73
CA GLN A 100 6.26 15.57 41.40
C GLN A 100 4.87 15.33 40.79
N GLU A 101 4.83 14.57 39.70
CA GLU A 101 3.59 14.25 39.03
C GLU A 101 2.98 12.95 39.56
N ARG A 102 3.57 12.43 40.63
CA ARG A 102 3.12 11.19 41.26
C ARG A 102 3.03 10.04 40.25
N THR A 103 4.03 9.93 39.39
CA THR A 103 4.05 8.90 38.36
C THR A 103 5.35 8.11 38.35
N LEU A 104 5.23 6.79 38.16
CA LEU A 104 6.37 5.91 38.03
C LEU A 104 6.43 5.32 36.63
N THR A 105 7.38 5.81 35.83
CA THR A 105 7.47 5.42 34.42
C THR A 105 8.36 4.20 34.21
N LEU A 106 7.90 3.28 33.37
CA LEU A 106 8.66 2.09 33.02
C LEU A 106 8.90 2.00 31.51
N VAL A 107 10.14 2.21 31.10
CA VAL A 107 10.47 2.24 29.67
C VAL A 107 11.31 1.05 29.23
N ASP A 108 10.81 0.31 28.24
CA ASP A 108 11.59 -0.77 27.64
C ASP A 108 11.73 -0.56 26.14
N THR A 109 12.92 -0.84 25.62
CA THR A 109 13.20 -0.67 24.21
C THR A 109 12.92 -1.96 23.44
N GLY A 110 11.73 -2.52 23.64
CA GLY A 110 11.34 -3.76 23.00
C GLY A 110 10.87 -3.57 21.58
N ILE A 111 10.08 -4.53 21.09
CA ILE A 111 9.55 -4.46 19.74
C ILE A 111 8.43 -3.43 19.65
N GLY A 112 7.75 -3.21 20.76
CA GLY A 112 6.64 -2.29 20.81
C GLY A 112 5.38 -2.88 20.19
N MET A 113 4.43 -2.02 19.86
CA MET A 113 3.17 -2.44 19.28
C MET A 113 2.74 -1.52 18.14
N THR A 114 1.98 -2.04 17.20
CA THR A 114 1.33 -1.20 16.20
C THR A 114 0.02 -0.72 16.81
N LYS A 115 -0.60 0.29 16.19
CA LYS A 115 -1.85 0.83 16.72
C LYS A 115 -2.94 -0.24 16.77
N ALA A 116 -2.98 -1.08 15.74
CA ALA A 116 -3.92 -2.19 15.70
C ALA A 116 -3.59 -3.21 16.79
N ASP A 117 -2.30 -3.45 16.99
CA ASP A 117 -1.85 -4.39 18.01
C ASP A 117 -2.05 -3.85 19.42
N LEU A 118 -1.79 -2.56 19.59
CA LEU A 118 -1.93 -1.91 20.90
C LEU A 118 -3.36 -2.01 21.41
N ILE A 119 -4.31 -1.67 20.55
CA ILE A 119 -5.74 -1.73 20.90
C ILE A 119 -6.15 -3.15 21.26
N ASN A 120 -5.76 -4.10 20.41
CA ASN A 120 -6.22 -5.49 20.54
C ASN A 120 -5.60 -6.21 21.74
N ASN A 121 -4.29 -6.10 21.88
CA ASN A 121 -3.56 -6.77 22.95
C ASN A 121 -4.11 -6.42 24.33
N LEU A 122 -4.18 -5.13 24.62
CA LEU A 122 -4.60 -4.65 25.93
C LEU A 122 -6.11 -4.66 26.10
N GLY A 123 -6.84 -4.62 24.99
CA GLY A 123 -8.27 -4.43 25.04
C GLY A 123 -9.16 -5.62 24.74
N THR A 124 -8.60 -6.68 24.16
CA THR A 124 -9.43 -7.80 23.73
C THR A 124 -8.89 -9.19 24.10
N ILE A 125 -7.71 -9.55 23.61
CA ILE A 125 -7.21 -10.91 23.75
C ILE A 125 -6.89 -11.27 25.20
N ALA A 126 -6.85 -10.28 26.07
CA ALA A 126 -6.66 -10.52 27.50
C ALA A 126 -7.85 -11.29 28.07
N LYS A 127 -8.98 -11.20 27.39
CA LYS A 127 -10.22 -11.87 27.79
C LYS A 127 -10.05 -13.37 28.07
N SER A 128 -9.18 -14.01 27.29
CA SER A 128 -8.91 -15.43 27.45
C SER A 128 -8.48 -15.78 28.87
N GLY A 129 -7.27 -15.37 29.24
CA GLY A 129 -6.72 -15.69 30.54
C GLY A 129 -7.35 -14.93 31.69
N THR A 130 -8.16 -13.93 31.37
CA THR A 130 -8.84 -13.14 32.39
C THR A 130 -10.00 -13.91 33.00
N LYS A 131 -10.78 -14.59 32.15
CA LYS A 131 -11.87 -15.43 32.62
C LYS A 131 -11.31 -16.61 33.41
N ALA A 132 -10.12 -17.06 33.02
CA ALA A 132 -9.46 -18.18 33.67
C ALA A 132 -8.88 -17.78 35.03
N PHE A 133 -8.35 -16.56 35.10
CA PHE A 133 -7.74 -16.07 36.34
C PHE A 133 -8.79 -15.85 37.41
N MET A 134 -9.94 -15.29 37.02
CA MET A 134 -11.02 -15.03 37.97
C MET A 134 -11.67 -16.32 38.45
N GLU A 135 -11.80 -17.28 37.54
CA GLU A 135 -12.33 -18.60 37.89
C GLU A 135 -11.36 -19.31 38.84
N ALA A 136 -10.08 -19.03 38.66
CA ALA A 136 -9.04 -19.57 39.54
C ALA A 136 -9.14 -18.94 40.92
N LEU A 137 -9.49 -17.66 40.97
CA LEU A 137 -9.69 -16.96 42.23
C LEU A 137 -10.89 -17.53 42.99
N GLN A 138 -11.81 -18.11 42.24
CA GLN A 138 -12.96 -18.78 42.84
C GLN A 138 -12.56 -20.15 43.37
N ALA A 139 -11.37 -20.59 42.99
CA ALA A 139 -10.83 -21.86 43.45
C ALA A 139 -9.67 -21.64 44.42
N GLY A 140 -9.55 -20.41 44.92
CA GLY A 140 -8.56 -20.09 45.93
C GLY A 140 -7.18 -19.79 45.41
N ALA A 141 -7.10 -19.08 44.28
CA ALA A 141 -5.82 -18.68 43.72
C ALA A 141 -5.38 -17.32 44.26
N ASP A 142 -4.09 -17.04 44.16
CA ASP A 142 -3.55 -15.77 44.65
C ASP A 142 -3.35 -14.79 43.50
N ILE A 143 -3.49 -13.50 43.80
CA ILE A 143 -3.27 -12.44 42.81
C ILE A 143 -1.81 -12.47 42.35
N SER A 144 -0.94 -13.00 43.20
CA SER A 144 0.47 -13.16 42.87
C SER A 144 0.68 -14.05 41.63
N MET A 145 -0.27 -14.95 41.39
CA MET A 145 -0.16 -15.90 40.29
C MET A 145 -0.72 -15.36 38.98
N ILE A 146 -0.87 -14.04 38.89
CA ILE A 146 -1.49 -13.41 37.74
C ILE A 146 -0.62 -13.51 36.48
N GLY A 147 0.68 -13.71 36.67
CA GLY A 147 1.60 -13.82 35.56
C GLY A 147 1.38 -15.06 34.73
N GLN A 148 0.94 -16.13 35.39
CA GLN A 148 0.72 -17.42 34.75
C GLN A 148 -0.39 -17.38 33.70
N PHE A 149 -1.15 -16.30 33.70
CA PHE A 149 -2.31 -16.17 32.82
C PHE A 149 -2.05 -15.18 31.68
N GLY A 150 -0.93 -14.48 31.75
CA GLY A 150 -0.56 -13.53 30.71
C GLY A 150 -1.27 -12.20 30.84
N VAL A 151 -2.13 -12.09 31.83
CA VAL A 151 -2.87 -10.86 32.10
C VAL A 151 -2.19 -10.07 33.21
N GLY A 152 -0.89 -10.29 33.37
CA GLY A 152 -0.12 -9.67 34.44
C GLY A 152 -0.02 -8.17 34.37
N PHE A 153 -0.27 -7.60 33.18
CA PHE A 153 -0.24 -6.16 33.00
C PHE A 153 -1.24 -5.47 33.91
N TYR A 154 -2.42 -6.05 34.04
CA TYR A 154 -3.52 -5.42 34.75
C TYR A 154 -3.31 -5.41 36.27
N SER A 155 -2.29 -6.10 36.73
CA SER A 155 -1.92 -6.08 38.15
C SER A 155 -1.30 -4.74 38.51
N ALA A 156 -1.07 -3.91 37.49
CA ALA A 156 -0.52 -2.57 37.70
C ALA A 156 -1.56 -1.65 38.32
N TYR A 157 -2.82 -2.05 38.27
CA TYR A 157 -3.89 -1.26 38.87
C TYR A 157 -4.04 -1.58 40.36
N LEU A 158 -3.14 -2.40 40.89
CA LEU A 158 -3.08 -2.66 42.32
C LEU A 158 -2.61 -1.41 43.05
N VAL A 159 -1.77 -0.62 42.38
CA VAL A 159 -1.19 0.57 42.99
C VAL A 159 -1.43 1.82 42.16
N ALA A 160 -2.13 1.67 41.04
CA ALA A 160 -2.39 2.80 40.15
C ALA A 160 -3.89 3.02 39.94
N GLU A 161 -4.29 4.27 39.81
CA GLU A 161 -5.67 4.63 39.53
C GLU A 161 -5.80 5.05 38.07
N LYS A 162 -4.68 5.08 37.37
CA LYS A 162 -4.64 5.45 35.96
C LYS A 162 -3.35 4.96 35.31
N VAL A 163 -3.47 4.29 34.18
CA VAL A 163 -2.30 3.77 33.48
C VAL A 163 -2.22 4.32 32.06
N VAL A 164 -1.07 4.85 31.70
CA VAL A 164 -0.84 5.37 30.35
C VAL A 164 0.31 4.63 29.68
N VAL A 165 0.05 4.09 28.50
CA VAL A 165 1.05 3.31 27.77
C VAL A 165 1.47 3.98 26.46
N ILE A 166 2.71 4.45 26.42
CA ILE A 166 3.28 5.01 25.19
C ILE A 166 3.99 3.90 24.42
N THR A 167 3.85 3.91 23.10
CA THR A 167 4.31 2.78 22.30
C THR A 167 4.71 3.18 20.88
N LYS A 168 5.83 2.65 20.41
CA LYS A 168 6.29 2.87 19.04
C LYS A 168 6.75 1.58 18.38
N HIS A 169 6.38 1.39 17.11
CA HIS A 169 6.76 0.20 16.36
C HIS A 169 7.49 0.56 15.07
N ASN A 170 8.21 -0.40 14.50
CA ASN A 170 8.96 -0.19 13.28
C ASN A 170 8.10 -0.27 12.01
N ASP A 171 6.79 -0.34 12.20
CA ASP A 171 5.87 -0.42 11.07
C ASP A 171 4.64 0.47 11.32
N ASP A 172 4.76 1.40 12.25
CA ASP A 172 3.66 2.31 12.58
C ASP A 172 4.22 3.54 13.29
N GLU A 173 3.33 4.44 13.68
CA GLU A 173 3.72 5.64 14.40
C GLU A 173 3.64 5.44 15.90
N GLN A 174 3.65 6.55 16.64
CA GLN A 174 3.62 6.50 18.10
C GLN A 174 2.24 6.87 18.63
N TYR A 175 1.63 5.95 19.38
CA TYR A 175 0.29 6.16 19.92
C TYR A 175 0.26 5.99 21.43
N ALA A 176 -0.78 6.51 22.06
CA ALA A 176 -0.91 6.46 23.52
C ALA A 176 -2.17 5.72 23.96
N TRP A 177 -2.03 4.91 25.00
CA TRP A 177 -3.13 4.14 25.56
C TRP A 177 -3.45 4.63 26.97
N GLU A 178 -4.71 4.99 27.22
CA GLU A 178 -5.09 5.57 28.50
C GLU A 178 -6.42 5.04 29.01
N SER A 179 -6.44 4.62 30.28
CA SER A 179 -7.65 4.10 30.90
C SER A 179 -7.63 4.22 32.42
N SER A 180 -8.79 4.46 33.00
CA SER A 180 -8.94 4.50 34.46
C SER A 180 -9.91 3.43 34.92
N ALA A 181 -9.98 2.35 34.15
CA ALA A 181 -10.84 1.20 34.44
C ALA A 181 -12.30 1.58 34.57
N GLY A 182 -12.76 2.46 33.69
CA GLY A 182 -14.16 2.85 33.66
C GLY A 182 -14.96 1.94 32.73
N GLY A 183 -14.29 0.91 32.23
CA GLY A 183 -14.89 0.00 31.27
C GLY A 183 -14.46 0.34 29.86
N SER A 184 -13.72 1.43 29.72
CA SER A 184 -13.29 1.91 28.42
C SER A 184 -11.84 2.41 28.44
N PHE A 185 -11.23 2.49 27.26
CA PHE A 185 -9.89 3.06 27.13
C PHE A 185 -9.79 3.91 25.88
N THR A 186 -8.88 4.87 25.90
CA THR A 186 -8.73 5.80 24.78
C THR A 186 -7.42 5.59 24.04
N VAL A 187 -7.46 5.73 22.72
CA VAL A 187 -6.28 5.59 21.89
C VAL A 187 -6.06 6.85 21.05
N ARG A 188 -4.91 7.50 21.26
CA ARG A 188 -4.60 8.73 20.55
C ARG A 188 -3.15 8.74 20.06
N ALA A 189 -2.90 9.48 18.98
CA ALA A 189 -1.54 9.64 18.46
C ALA A 189 -0.73 10.47 19.43
N ASP A 190 0.33 9.88 19.98
CA ASP A 190 1.15 10.54 20.99
C ASP A 190 2.08 11.58 20.39
N HIS A 191 1.71 12.85 20.54
CA HIS A 191 2.58 13.95 20.13
C HIS A 191 3.40 14.45 21.32
N GLY A 192 4.57 13.86 21.51
CA GLY A 192 5.43 14.23 22.63
C GLY A 192 6.80 13.61 22.53
N GLU A 193 7.35 13.20 23.68
CA GLU A 193 8.68 12.61 23.73
C GLU A 193 8.75 11.31 22.93
N PRO A 194 9.59 11.28 21.90
CA PRO A 194 9.76 10.11 21.05
C PRO A 194 10.62 9.05 21.72
N ILE A 195 10.06 7.85 21.93
CA ILE A 195 10.78 6.78 22.61
C ILE A 195 11.58 5.93 21.63
N GLY A 196 11.40 6.20 20.34
CA GLY A 196 12.13 5.48 19.31
C GLY A 196 11.51 4.14 18.97
N ARG A 197 11.38 3.29 19.98
CA ARG A 197 10.77 1.96 19.81
C ARG A 197 10.52 1.31 21.17
N GLY A 198 9.39 0.63 21.30
CA GLY A 198 9.11 -0.14 22.51
C GLY A 198 7.82 0.22 23.21
N THR A 199 7.81 0.03 24.51
CA THR A 199 6.63 0.30 25.33
C THR A 199 6.99 1.12 26.57
N LYS A 200 6.31 2.26 26.72
CA LYS A 200 6.56 3.15 27.85
C LYS A 200 5.34 3.20 28.76
N VAL A 201 5.35 2.39 29.81
CA VAL A 201 4.22 2.31 30.74
C VAL A 201 4.31 3.36 31.84
N ILE A 202 3.47 4.38 31.74
CA ILE A 202 3.44 5.45 32.74
C ILE A 202 2.32 5.21 33.75
N LEU A 203 2.70 4.83 34.97
CA LEU A 203 1.73 4.56 36.03
C LEU A 203 1.40 5.81 36.81
N HIS A 204 0.12 6.15 36.90
CA HIS A 204 -0.33 7.21 37.78
C HIS A 204 -0.74 6.59 39.12
N LEU A 205 0.23 6.55 40.04
CA LEU A 205 0.04 5.88 41.32
C LEU A 205 -1.07 6.47 42.17
N LYS A 206 -1.71 5.61 42.97
CA LYS A 206 -2.68 6.07 43.96
C LYS A 206 -1.97 6.96 44.97
N GLU A 207 -2.74 7.79 45.66
CA GLU A 207 -2.17 8.74 46.61
C GLU A 207 -1.49 8.03 47.78
N ASP A 208 -1.97 6.84 48.12
CA ASP A 208 -1.43 6.08 49.25
C ASP A 208 -0.44 5.01 48.82
N GLN A 209 0.04 5.11 47.57
CA GLN A 209 0.99 4.14 47.05
C GLN A 209 2.25 4.80 46.52
N THR A 210 2.63 5.93 47.10
CA THR A 210 3.85 6.62 46.71
C THR A 210 5.06 5.92 47.32
N GLU A 211 4.78 4.84 48.05
CA GLU A 211 5.81 3.96 48.59
C GLU A 211 6.76 3.48 47.50
N TYR A 212 6.20 3.14 46.35
CA TYR A 212 6.98 2.63 45.22
C TYR A 212 7.55 3.74 44.35
N LEU A 213 7.67 4.93 44.94
CA LEU A 213 8.27 6.06 44.24
C LEU A 213 9.59 6.45 44.91
N GLU A 214 9.89 5.78 46.02
CA GLU A 214 11.11 6.02 46.76
C GLU A 214 12.25 5.14 46.24
N GLU A 215 13.43 5.72 46.11
CA GLU A 215 14.59 5.05 45.53
C GLU A 215 14.92 3.72 46.18
N ARG A 216 14.87 3.71 47.52
CA ARG A 216 15.19 2.51 48.28
C ARG A 216 14.17 1.39 48.02
N ARG A 217 12.90 1.76 48.01
CA ARG A 217 11.82 0.78 47.87
C ARG A 217 11.86 0.02 46.55
N VAL A 218 12.18 0.74 45.47
CA VAL A 218 12.24 0.13 44.14
C VAL A 218 13.37 -0.90 44.05
N LYS A 219 14.46 -0.64 44.79
CA LYS A 219 15.65 -1.48 44.73
C LYS A 219 15.40 -2.91 45.21
N GLU A 220 14.60 -3.06 46.27
CA GLU A 220 14.38 -4.39 46.85
C GLU A 220 13.45 -5.24 46.00
N VAL A 221 12.37 -4.65 45.50
CA VAL A 221 11.40 -5.37 44.70
C VAL A 221 12.03 -5.98 43.46
N VAL A 222 12.92 -5.22 42.83
CA VAL A 222 13.64 -5.70 41.65
C VAL A 222 14.55 -6.86 42.02
N LYS A 223 15.16 -6.78 43.21
CA LYS A 223 16.09 -7.81 43.67
C LYS A 223 15.35 -9.01 44.27
N LYS A 224 14.14 -8.79 44.75
CA LYS A 224 13.38 -9.85 45.40
C LYS A 224 12.60 -10.71 44.41
N HIS A 225 12.09 -10.08 43.35
CA HIS A 225 11.28 -10.77 42.36
C HIS A 225 12.00 -10.93 41.03
N SER A 226 12.07 -9.85 40.26
CA SER A 226 12.63 -9.89 38.92
C SER A 226 14.16 -9.92 38.93
N GLN A 227 14.73 -11.02 39.40
CA GLN A 227 16.16 -11.23 39.36
C GLN A 227 16.48 -12.26 38.28
N PHE A 228 15.44 -12.67 37.56
CA PHE A 228 15.56 -13.67 36.50
C PHE A 228 15.65 -13.02 35.13
N ILE A 229 15.49 -11.70 35.09
CA ILE A 229 15.49 -10.95 33.84
C ILE A 229 16.86 -10.96 33.16
N GLY A 230 16.86 -11.18 31.85
CA GLY A 230 18.09 -11.19 31.08
C GLY A 230 18.34 -9.87 30.38
N TYR A 231 17.93 -8.78 31.02
CA TYR A 231 18.11 -7.44 30.47
C TYR A 231 18.39 -6.43 31.57
N PRO A 232 19.26 -5.44 31.30
CA PRO A 232 19.69 -4.47 32.31
C PRO A 232 18.56 -3.57 32.81
N ILE A 233 18.34 -3.57 34.13
CA ILE A 233 17.31 -2.75 34.74
C ILE A 233 17.92 -1.51 35.40
N THR A 234 17.82 -0.37 34.72
CA THR A 234 18.40 0.87 35.21
C THR A 234 17.37 1.72 35.95
N LEU A 235 17.74 2.20 37.13
CA LEU A 235 16.86 3.04 37.94
C LEU A 235 17.31 4.50 37.91
N TYR A 236 16.54 5.34 37.23
CA TYR A 236 16.86 6.76 37.14
C TYR A 236 16.24 7.54 38.29
N LEU A 237 16.64 7.21 39.51
CA LEU A 237 16.14 7.88 40.70
C LEU A 237 17.20 8.77 41.33
N SER B 19 -6.11 -50.87 32.74
CA SER B 19 -7.54 -50.83 33.03
C SER B 19 -7.87 -49.77 34.08
N HIS B 20 -7.82 -48.51 33.68
CA HIS B 20 -8.14 -47.40 34.57
C HIS B 20 -9.36 -46.63 34.08
N MET B 21 -9.77 -45.62 34.84
CA MET B 21 -10.92 -44.79 34.48
C MET B 21 -10.53 -43.32 34.39
N PRO B 22 -10.53 -42.77 33.17
CA PRO B 22 -10.13 -41.39 32.90
C PRO B 22 -11.13 -40.36 33.43
N GLU B 23 -10.62 -39.19 33.82
CA GLU B 23 -11.46 -38.11 34.32
C GLU B 23 -10.83 -36.75 34.01
N GLU B 24 -11.38 -36.08 33.00
CA GLU B 24 -10.84 -34.79 32.56
C GLU B 24 -11.10 -33.69 33.59
N VAL B 25 -10.03 -33.15 34.15
CA VAL B 25 -10.12 -32.13 35.18
C VAL B 25 -10.13 -30.72 34.57
N HIS B 26 -9.32 -30.54 33.54
CA HIS B 26 -9.24 -29.25 32.86
C HIS B 26 -9.29 -29.45 31.35
N HIS B 27 -10.29 -28.86 30.71
CA HIS B 27 -10.49 -29.03 29.27
C HIS B 27 -9.42 -28.32 28.45
N GLY B 28 -8.76 -27.36 29.08
CA GLY B 28 -7.75 -26.56 28.39
C GLY B 28 -8.32 -25.21 27.98
N GLU B 29 -8.04 -24.81 26.73
CA GLU B 29 -8.61 -23.58 26.20
C GLU B 29 -10.09 -23.75 25.93
N GLU B 30 -10.85 -22.68 26.18
CA GLU B 30 -12.28 -22.68 25.89
C GLU B 30 -12.48 -22.86 24.38
N GLU B 31 -13.11 -23.97 23.99
CA GLU B 31 -13.26 -24.32 22.59
C GLU B 31 -14.00 -23.27 21.79
N VAL B 32 -15.11 -22.78 22.33
CA VAL B 32 -15.89 -21.74 21.67
C VAL B 32 -15.79 -20.44 22.45
N GLU B 33 -15.02 -19.49 21.92
CA GLU B 33 -14.78 -18.23 22.60
C GLU B 33 -15.71 -17.13 22.10
N THR B 34 -16.74 -16.84 22.89
CA THR B 34 -17.71 -15.81 22.53
C THR B 34 -17.20 -14.42 22.91
N PHE B 35 -16.92 -13.61 21.89
CA PHE B 35 -16.47 -12.24 22.12
C PHE B 35 -17.63 -11.26 21.91
N ALA B 36 -17.30 -10.01 21.63
CA ALA B 36 -18.32 -8.99 21.42
C ALA B 36 -17.78 -7.83 20.59
N PHE B 37 -18.56 -7.43 19.58
CA PHE B 37 -18.21 -6.27 18.76
C PHE B 37 -18.15 -5.01 19.60
N GLN B 38 -17.53 -3.97 19.07
CA GLN B 38 -17.55 -2.67 19.73
C GLN B 38 -18.94 -2.06 19.60
N ALA B 39 -19.16 -0.95 20.30
CA ALA B 39 -20.47 -0.31 20.31
C ALA B 39 -20.96 0.05 18.91
N GLU B 40 -20.15 0.82 18.19
CA GLU B 40 -20.52 1.31 16.86
C GLU B 40 -20.68 0.19 15.85
N ILE B 41 -19.75 -0.77 15.87
CA ILE B 41 -19.77 -1.89 14.93
C ILE B 41 -21.08 -2.69 15.03
N ALA B 42 -21.53 -2.90 16.26
CA ALA B 42 -22.76 -3.65 16.50
C ALA B 42 -23.98 -2.93 15.93
N GLN B 43 -23.93 -1.60 15.93
CA GLN B 43 -25.01 -0.79 15.39
C GLN B 43 -25.16 -1.00 13.89
N LEU B 44 -24.06 -0.88 13.18
CA LEU B 44 -24.05 -0.96 11.72
C LEU B 44 -24.55 -2.31 11.22
N MET B 45 -24.16 -3.38 11.91
CA MET B 45 -24.57 -4.73 11.52
C MET B 45 -26.09 -4.88 11.55
N SER B 46 -26.72 -4.28 12.56
CA SER B 46 -28.17 -4.30 12.66
C SER B 46 -28.80 -3.38 11.62
N LEU B 47 -28.06 -2.35 11.23
CA LEU B 47 -28.54 -1.41 10.22
C LEU B 47 -28.40 -2.00 8.82
N ILE B 48 -27.40 -2.85 8.64
CA ILE B 48 -27.16 -3.50 7.35
C ILE B 48 -28.10 -4.70 7.18
N ILE B 49 -28.33 -5.43 8.26
CA ILE B 49 -29.18 -6.62 8.21
C ILE B 49 -30.66 -6.24 8.15
N ASN B 50 -30.95 -4.95 8.34
CA ASN B 50 -32.30 -4.42 8.19
C ASN B 50 -32.33 -3.19 7.30
N THR B 51 -32.28 -3.38 5.98
CA THR B 51 -32.27 -2.24 5.07
C THR B 51 -33.13 -2.42 3.82
N PHE B 52 -33.25 -3.65 3.34
CA PHE B 52 -34.04 -3.97 2.15
C PHE B 52 -33.72 -3.08 0.94
N TYR B 53 -32.46 -2.67 0.80
CA TYR B 53 -32.05 -1.85 -0.34
C TYR B 53 -32.13 -2.65 -1.63
N SER B 54 -32.29 -1.95 -2.75
CA SER B 54 -32.43 -2.61 -4.05
C SER B 54 -31.06 -2.87 -4.68
N ASN B 55 -30.03 -2.25 -4.13
CA ASN B 55 -28.67 -2.41 -4.63
C ASN B 55 -27.83 -3.25 -3.67
N LYS B 56 -28.25 -4.50 -3.46
CA LYS B 56 -27.57 -5.38 -2.52
C LYS B 56 -26.46 -6.19 -3.17
N GLU B 57 -26.40 -6.17 -4.50
CA GLU B 57 -25.43 -6.96 -5.24
C GLU B 57 -23.99 -6.51 -4.98
N ILE B 58 -23.85 -5.31 -4.41
CA ILE B 58 -22.52 -4.74 -4.17
C ILE B 58 -21.78 -5.45 -3.04
N PHE B 59 -22.45 -6.37 -2.36
CA PHE B 59 -21.84 -7.14 -1.29
C PHE B 59 -20.71 -8.00 -1.85
N LEU B 60 -20.94 -8.54 -3.05
CA LEU B 60 -19.98 -9.42 -3.69
C LEU B 60 -18.76 -8.63 -4.14
N ARG B 61 -18.98 -7.40 -4.59
CA ARG B 61 -17.86 -6.54 -4.96
C ARG B 61 -16.93 -6.26 -3.81
N GLU B 62 -17.51 -6.06 -2.62
CA GLU B 62 -16.73 -5.71 -1.45
C GLU B 62 -15.93 -6.89 -0.93
N LEU B 63 -16.54 -8.07 -0.94
CA LEU B 63 -15.89 -9.26 -0.44
C LEU B 63 -14.78 -9.73 -1.37
N ILE B 64 -14.98 -9.54 -2.67
CA ILE B 64 -13.97 -9.88 -3.66
C ILE B 64 -12.80 -8.92 -3.57
N SER B 65 -13.10 -7.63 -3.41
CA SER B 65 -12.05 -6.62 -3.27
C SER B 65 -11.31 -6.77 -1.95
N ASN B 66 -12.00 -7.30 -0.94
CA ASN B 66 -11.36 -7.62 0.34
C ASN B 66 -10.46 -8.83 0.20
N ALA B 67 -10.87 -9.77 -0.64
CA ALA B 67 -10.07 -10.95 -0.93
C ALA B 67 -8.87 -10.57 -1.80
N SER B 68 -9.07 -9.58 -2.66
CA SER B 68 -8.01 -9.09 -3.53
C SER B 68 -6.93 -8.38 -2.72
N ASP B 69 -7.35 -7.70 -1.65
CA ASP B 69 -6.41 -7.03 -0.77
C ASP B 69 -5.62 -8.04 0.05
N ALA B 70 -6.25 -9.17 0.34
CA ALA B 70 -5.60 -10.24 1.09
C ALA B 70 -4.50 -10.89 0.26
N LEU B 71 -4.76 -11.04 -1.04
CA LEU B 71 -3.81 -11.63 -1.96
C LEU B 71 -2.65 -10.68 -2.25
N ASP B 72 -2.93 -9.38 -2.18
CA ASP B 72 -1.89 -8.37 -2.39
C ASP B 72 -0.78 -8.48 -1.35
N LYS B 73 -1.17 -8.81 -0.12
CA LYS B 73 -0.22 -8.89 0.99
C LYS B 73 0.72 -10.07 0.87
N ILE B 74 0.15 -11.26 0.61
CA ILE B 74 0.96 -12.48 0.53
C ILE B 74 1.88 -12.45 -0.68
N ARG B 75 1.49 -11.72 -1.72
CA ARG B 75 2.33 -11.55 -2.89
C ARG B 75 3.47 -10.58 -2.58
N TYR B 76 3.18 -9.63 -1.70
CA TYR B 76 4.15 -8.61 -1.31
C TYR B 76 5.24 -9.19 -0.41
N GLU B 77 4.82 -10.02 0.56
CA GLU B 77 5.75 -10.55 1.55
C GLU B 77 6.38 -11.88 1.12
N SER B 78 6.21 -12.23 -0.15
CA SER B 78 6.81 -13.45 -0.67
C SER B 78 7.93 -13.13 -1.66
N LEU B 79 8.06 -11.85 -2.01
CA LEU B 79 9.10 -11.41 -2.93
C LEU B 79 10.47 -11.48 -2.25
N THR B 80 10.47 -11.48 -0.92
CA THR B 80 11.70 -11.60 -0.15
C THR B 80 11.64 -12.82 0.75
N ASP B 81 10.58 -13.61 0.61
CA ASP B 81 10.42 -14.83 1.39
C ASP B 81 9.40 -15.75 0.73
N PRO B 82 9.83 -16.53 -0.29
CA PRO B 82 8.97 -17.48 -1.00
C PRO B 82 8.43 -18.59 -0.11
N SER B 83 8.97 -18.72 1.10
CA SER B 83 8.52 -19.75 2.04
C SER B 83 7.07 -19.54 2.47
N LYS B 84 6.60 -18.31 2.34
CA LYS B 84 5.21 -17.98 2.68
C LYS B 84 4.25 -18.62 1.68
N LEU B 85 4.78 -19.03 0.53
CA LEU B 85 3.96 -19.61 -0.52
C LEU B 85 4.09 -21.13 -0.57
N ASP B 86 4.76 -21.70 0.42
CA ASP B 86 4.88 -23.15 0.53
C ASP B 86 3.54 -23.75 0.94
N SER B 87 2.68 -22.91 1.51
CA SER B 87 1.33 -23.30 1.88
C SER B 87 0.46 -23.39 0.63
N GLY B 88 0.75 -22.53 -0.34
CA GLY B 88 0.02 -22.47 -1.59
C GLY B 88 0.65 -21.45 -2.52
N LYS B 89 0.96 -21.87 -3.74
CA LYS B 89 1.66 -21.01 -4.69
C LYS B 89 0.69 -20.30 -5.64
N GLU B 90 -0.59 -20.63 -5.53
CA GLU B 90 -1.60 -20.05 -6.42
C GLU B 90 -2.38 -18.93 -5.73
N LEU B 91 -2.42 -17.77 -6.36
CA LEU B 91 -3.16 -16.62 -5.84
C LEU B 91 -4.43 -16.38 -6.64
N LYS B 92 -5.54 -16.93 -6.16
CA LYS B 92 -6.81 -16.84 -6.88
C LYS B 92 -7.99 -16.61 -5.95
N ILE B 93 -9.17 -16.40 -6.54
CA ILE B 93 -10.40 -16.23 -5.78
C ILE B 93 -11.46 -17.21 -6.30
N ASP B 94 -12.05 -17.98 -5.38
CA ASP B 94 -13.07 -18.96 -5.75
C ASP B 94 -14.46 -18.55 -5.26
N ILE B 95 -15.48 -18.91 -6.03
CA ILE B 95 -16.87 -18.62 -5.68
C ILE B 95 -17.70 -19.89 -5.76
N ILE B 96 -18.13 -20.40 -4.61
CA ILE B 96 -18.85 -21.67 -4.56
C ILE B 96 -20.26 -21.54 -3.99
N PRO B 97 -21.28 -21.67 -4.85
CA PRO B 97 -22.68 -21.67 -4.42
C PRO B 97 -23.17 -23.06 -4.02
N ASN B 98 -23.87 -23.14 -2.89
CA ASN B 98 -24.44 -24.40 -2.42
C ASN B 98 -25.95 -24.25 -2.17
N PRO B 99 -26.76 -24.48 -3.22
CA PRO B 99 -28.22 -24.30 -3.19
C PRO B 99 -28.93 -25.16 -2.15
N GLN B 100 -28.39 -26.33 -1.84
CA GLN B 100 -29.04 -27.24 -0.92
C GLN B 100 -28.81 -26.85 0.54
N GLU B 101 -27.89 -25.91 0.76
CA GLU B 101 -27.64 -25.37 2.09
C GLU B 101 -27.83 -23.85 2.09
N ARG B 102 -28.07 -23.30 0.89
CA ARG B 102 -28.20 -21.87 0.69
C ARG B 102 -26.98 -21.13 1.22
N THR B 103 -25.80 -21.56 0.79
CA THR B 103 -24.55 -20.93 1.23
C THR B 103 -23.68 -20.56 0.04
N LEU B 104 -23.34 -19.27 -0.06
CA LEU B 104 -22.40 -18.81 -1.09
C LEU B 104 -21.01 -18.66 -0.50
N THR B 105 -20.07 -19.47 -0.98
CA THR B 105 -18.73 -19.51 -0.41
C THR B 105 -17.72 -18.72 -1.25
N LEU B 106 -16.96 -17.86 -0.59
CA LEU B 106 -15.95 -17.04 -1.26
C LEU B 106 -14.55 -17.38 -0.74
N VAL B 107 -13.87 -18.28 -1.44
CA VAL B 107 -12.56 -18.75 -1.02
C VAL B 107 -11.42 -18.00 -1.69
N ASP B 108 -10.55 -17.38 -0.89
CA ASP B 108 -9.34 -16.77 -1.41
C ASP B 108 -8.12 -17.30 -0.65
N THR B 109 -7.01 -17.45 -1.38
CA THR B 109 -5.78 -17.98 -0.79
C THR B 109 -4.82 -16.85 -0.45
N GLY B 110 -5.30 -15.86 0.29
CA GLY B 110 -4.50 -14.71 0.64
C GLY B 110 -3.52 -15.00 1.77
N ILE B 111 -3.10 -13.95 2.46
CA ILE B 111 -2.14 -14.07 3.56
C ILE B 111 -2.78 -14.81 4.74
N GLY B 112 -4.09 -14.73 4.85
CA GLY B 112 -4.81 -15.37 5.94
C GLY B 112 -4.80 -14.50 7.18
N MET B 113 -5.37 -15.02 8.27
CA MET B 113 -5.43 -14.26 9.51
C MET B 113 -5.05 -15.09 10.73
N THR B 114 -4.35 -14.45 11.66
CA THR B 114 -4.02 -15.05 12.94
C THR B 114 -5.27 -15.01 13.82
N LYS B 115 -5.31 -15.83 14.86
CA LYS B 115 -6.46 -15.87 15.77
C LYS B 115 -6.73 -14.49 16.37
N ALA B 116 -5.66 -13.77 16.68
CA ALA B 116 -5.77 -12.41 17.21
C ALA B 116 -6.28 -11.45 16.13
N ASP B 117 -5.72 -11.56 14.94
CA ASP B 117 -6.10 -10.69 13.83
C ASP B 117 -7.52 -10.98 13.36
N LEU B 118 -7.94 -12.24 13.47
CA LEU B 118 -9.31 -12.63 13.13
C LEU B 118 -10.30 -11.95 14.07
N ILE B 119 -9.94 -11.87 15.34
CA ILE B 119 -10.77 -11.22 16.35
C ILE B 119 -10.75 -9.70 16.18
N ASN B 120 -9.59 -9.16 15.86
CA ASN B 120 -9.40 -7.72 15.77
C ASN B 120 -10.01 -7.11 14.52
N ASN B 121 -9.62 -7.61 13.36
CA ASN B 121 -10.07 -7.07 12.08
C ASN B 121 -11.58 -7.04 11.92
N LEU B 122 -12.23 -8.15 12.25
CA LEU B 122 -13.66 -8.28 12.02
C LEU B 122 -14.51 -7.83 13.19
N GLY B 123 -13.90 -7.66 14.37
CA GLY B 123 -14.68 -7.41 15.56
C GLY B 123 -14.27 -6.27 16.47
N THR B 124 -13.36 -5.40 16.03
CA THR B 124 -12.94 -4.30 16.90
C THR B 124 -12.44 -3.06 16.13
N ILE B 125 -11.39 -3.19 15.34
CA ILE B 125 -10.76 -2.04 14.71
C ILE B 125 -11.59 -1.42 13.59
N ALA B 126 -12.74 -2.01 13.30
CA ALA B 126 -13.65 -1.45 12.31
C ALA B 126 -14.52 -0.36 12.94
N LYS B 127 -14.30 -0.12 14.23
CA LYS B 127 -15.09 0.84 14.98
C LYS B 127 -15.09 2.24 14.38
N SER B 128 -13.90 2.81 14.21
CA SER B 128 -13.79 4.17 13.70
C SER B 128 -14.30 4.29 12.26
N GLY B 129 -14.11 3.22 11.50
CA GLY B 129 -14.60 3.17 10.13
C GLY B 129 -16.12 3.05 10.10
N THR B 130 -16.66 2.35 11.10
CA THR B 130 -18.09 2.18 11.22
C THR B 130 -18.78 3.48 11.63
N LYS B 131 -18.24 4.12 12.66
CA LYS B 131 -18.78 5.36 13.19
C LYS B 131 -18.79 6.46 12.13
N ALA B 132 -17.74 6.49 11.31
CA ALA B 132 -17.62 7.49 10.25
C ALA B 132 -18.62 7.23 9.13
N PHE B 133 -18.92 5.96 8.87
CA PHE B 133 -19.85 5.61 7.80
C PHE B 133 -21.30 5.88 8.21
N MET B 134 -21.63 5.55 9.46
CA MET B 134 -22.96 5.82 9.97
C MET B 134 -23.20 7.32 10.10
N GLU B 135 -22.12 8.06 10.28
CA GLU B 135 -22.18 9.52 10.32
C GLU B 135 -22.29 10.07 8.91
N ALA B 136 -21.89 9.26 7.94
CA ALA B 136 -21.93 9.65 6.53
C ALA B 136 -23.28 9.34 5.90
N LEU B 137 -23.99 8.38 6.48
CA LEU B 137 -25.32 8.02 5.99
C LEU B 137 -26.30 9.17 6.19
N GLN B 138 -26.05 9.96 7.23
CA GLN B 138 -26.90 11.12 7.52
C GLN B 138 -26.58 12.27 6.56
N ALA B 139 -25.39 12.25 5.98
CA ALA B 139 -24.93 13.30 5.09
C ALA B 139 -25.43 13.10 3.66
N GLY B 140 -25.93 11.91 3.38
CA GLY B 140 -26.49 11.61 2.07
C GLY B 140 -25.91 10.37 1.42
N ALA B 141 -24.83 9.85 2.00
CA ALA B 141 -24.18 8.65 1.48
C ALA B 141 -25.09 7.44 1.57
N ASP B 142 -24.77 6.39 0.82
CA ASP B 142 -25.59 5.18 0.82
C ASP B 142 -24.73 3.93 0.98
N ILE B 143 -25.40 2.78 1.00
CA ILE B 143 -24.75 1.48 1.23
C ILE B 143 -23.64 1.20 0.21
N SER B 144 -23.86 1.60 -1.03
CA SER B 144 -22.90 1.33 -2.11
C SER B 144 -21.54 2.01 -1.89
N MET B 145 -21.48 2.96 -0.96
CA MET B 145 -20.25 3.68 -0.68
C MET B 145 -19.49 3.10 0.50
N ILE B 146 -19.96 1.97 1.02
CA ILE B 146 -19.40 1.39 2.23
C ILE B 146 -17.96 0.94 2.06
N GLY B 147 -17.57 0.64 0.82
CA GLY B 147 -16.23 0.15 0.54
C GLY B 147 -15.15 1.15 0.86
N GLN B 148 -15.42 2.42 0.58
CA GLN B 148 -14.45 3.49 0.80
C GLN B 148 -14.09 3.67 2.28
N PHE B 149 -14.90 3.07 3.16
CA PHE B 149 -14.68 3.21 4.59
C PHE B 149 -13.95 1.99 5.15
N GLY B 150 -13.68 1.01 4.29
CA GLY B 150 -12.91 -0.16 4.67
C GLY B 150 -13.71 -1.22 5.41
N VAL B 151 -14.93 -0.88 5.83
CA VAL B 151 -15.77 -1.79 6.58
C VAL B 151 -16.69 -2.59 5.65
N GLY B 152 -16.21 -2.86 4.44
CA GLY B 152 -17.01 -3.52 3.42
C GLY B 152 -17.31 -4.99 3.69
N PHE B 153 -16.68 -5.56 4.71
CA PHE B 153 -16.93 -6.95 5.08
C PHE B 153 -18.36 -7.13 5.58
N TYR B 154 -18.81 -6.18 6.41
CA TYR B 154 -20.14 -6.25 7.01
C TYR B 154 -21.23 -6.03 5.96
N SER B 155 -20.83 -5.61 4.77
CA SER B 155 -21.76 -5.44 3.65
C SER B 155 -22.29 -6.79 3.18
N ALA B 156 -21.67 -7.87 3.66
CA ALA B 156 -22.12 -9.22 3.32
C ALA B 156 -23.45 -9.54 3.99
N TYR B 157 -23.82 -8.75 4.99
CA TYR B 157 -25.06 -8.96 5.72
C TYR B 157 -26.26 -8.34 5.02
N LEU B 158 -26.06 -7.90 3.77
CA LEU B 158 -27.15 -7.41 2.95
C LEU B 158 -27.99 -8.60 2.47
N VAL B 159 -27.33 -9.74 2.33
CA VAL B 159 -27.98 -10.94 1.81
C VAL B 159 -27.77 -12.14 2.72
N ALA B 160 -26.94 -11.99 3.75
CA ALA B 160 -26.64 -13.10 4.65
C ALA B 160 -27.22 -12.87 6.04
N GLU B 161 -27.80 -13.92 6.61
CA GLU B 161 -28.35 -13.86 7.96
C GLU B 161 -27.34 -14.35 8.98
N LYS B 162 -26.32 -15.05 8.49
CA LYS B 162 -25.24 -15.54 9.34
C LYS B 162 -23.97 -15.71 8.53
N VAL B 163 -22.89 -15.07 8.96
CA VAL B 163 -21.63 -15.13 8.23
C VAL B 163 -20.60 -15.99 8.96
N VAL B 164 -20.18 -17.07 8.31
CA VAL B 164 -19.15 -17.93 8.86
C VAL B 164 -17.83 -17.72 8.12
N VAL B 165 -16.81 -17.27 8.84
CA VAL B 165 -15.53 -16.96 8.22
C VAL B 165 -14.45 -17.95 8.65
N ILE B 166 -14.02 -18.78 7.71
CA ILE B 166 -12.93 -19.72 7.95
C ILE B 166 -11.63 -19.16 7.39
N THR B 167 -10.55 -19.25 8.16
CA THR B 167 -9.27 -18.71 7.71
C THR B 167 -8.09 -19.42 8.37
N LYS B 168 -6.93 -19.34 7.73
CA LYS B 168 -5.71 -19.91 8.29
C LYS B 168 -4.48 -19.10 7.89
N HIS B 169 -3.63 -18.82 8.87
CA HIS B 169 -2.40 -18.08 8.62
C HIS B 169 -1.20 -19.03 8.68
N ASN B 170 -0.05 -18.58 8.18
CA ASN B 170 1.17 -19.39 8.21
C ASN B 170 1.68 -19.59 9.63
N ASP B 171 1.48 -18.60 10.48
CA ASP B 171 2.03 -18.61 11.82
C ASP B 171 1.12 -19.28 12.85
N ASP B 172 -0.17 -19.36 12.55
CA ASP B 172 -1.12 -19.92 13.51
C ASP B 172 -1.99 -20.99 12.87
N GLU B 173 -2.88 -21.58 13.67
CA GLU B 173 -3.74 -22.66 13.20
C GLU B 173 -4.91 -22.13 12.38
N GLN B 174 -5.89 -23.00 12.14
CA GLN B 174 -7.08 -22.64 11.37
C GLN B 174 -8.25 -22.37 12.31
N TYR B 175 -8.92 -21.25 12.11
CA TYR B 175 -9.99 -20.84 13.01
C TYR B 175 -11.29 -20.53 12.30
N ALA B 176 -12.39 -20.53 13.06
CA ALA B 176 -13.72 -20.27 12.51
C ALA B 176 -14.38 -19.08 13.18
N TRP B 177 -14.88 -18.15 12.37
CA TRP B 177 -15.54 -16.96 12.87
C TRP B 177 -17.02 -16.98 12.50
N GLU B 178 -17.89 -17.00 13.51
CA GLU B 178 -19.32 -17.09 13.27
C GLU B 178 -20.07 -15.97 13.98
N SER B 179 -21.04 -15.38 13.29
CA SER B 179 -21.85 -14.31 13.87
C SER B 179 -23.16 -14.11 13.11
N SER B 180 -24.25 -14.05 13.84
CA SER B 180 -25.55 -13.77 13.25
C SER B 180 -25.96 -12.32 13.54
N ALA B 181 -24.96 -11.47 13.74
CA ALA B 181 -25.15 -10.04 13.99
C ALA B 181 -26.05 -9.78 15.19
N GLY B 182 -25.71 -10.40 16.33
CA GLY B 182 -26.46 -10.19 17.55
C GLY B 182 -25.74 -9.26 18.49
N GLY B 183 -24.71 -8.59 17.98
CA GLY B 183 -23.89 -7.70 18.79
C GLY B 183 -22.65 -8.41 19.31
N SER B 184 -22.54 -9.69 18.96
CA SER B 184 -21.41 -10.50 19.40
C SER B 184 -21.09 -11.59 18.39
N PHE B 185 -19.82 -11.99 18.34
CA PHE B 185 -19.40 -13.08 17.47
C PHE B 185 -18.74 -14.19 18.29
N THR B 186 -18.28 -15.22 17.61
CA THR B 186 -17.60 -16.33 18.28
C THR B 186 -16.43 -16.86 17.45
N VAL B 187 -15.32 -17.11 18.14
CA VAL B 187 -14.13 -17.67 17.50
C VAL B 187 -13.90 -19.09 18.00
N ARG B 188 -13.53 -19.98 17.08
CA ARG B 188 -13.36 -21.39 17.40
C ARG B 188 -12.43 -22.07 16.40
N ALA B 189 -11.58 -22.97 16.89
CA ALA B 189 -10.67 -23.70 16.02
C ALA B 189 -11.43 -24.59 15.05
N ASP B 190 -11.29 -24.30 13.75
CA ASP B 190 -12.00 -25.05 12.72
C ASP B 190 -11.29 -26.36 12.40
N HIS B 191 -12.06 -27.45 12.42
CA HIS B 191 -11.52 -28.76 12.13
C HIS B 191 -12.12 -29.33 10.84
N GLY B 192 -12.48 -28.44 9.93
CA GLY B 192 -13.03 -28.84 8.64
C GLY B 192 -11.94 -29.07 7.62
N GLU B 193 -12.30 -29.02 6.34
CA GLU B 193 -11.33 -29.20 5.27
C GLU B 193 -10.26 -28.11 5.30
N PRO B 194 -9.00 -28.51 5.50
CA PRO B 194 -7.87 -27.58 5.57
C PRO B 194 -7.70 -26.78 4.27
N ILE B 195 -7.60 -25.47 4.39
CA ILE B 195 -7.46 -24.61 3.21
C ILE B 195 -6.00 -24.28 2.93
N GLY B 196 -5.12 -24.60 3.88
CA GLY B 196 -3.70 -24.35 3.71
C GLY B 196 -3.32 -22.92 4.05
N ARG B 197 -3.93 -21.98 3.36
CA ARG B 197 -3.70 -20.56 3.61
C ARG B 197 -4.81 -19.71 2.99
N GLY B 198 -5.14 -18.60 3.62
CA GLY B 198 -6.14 -17.69 3.08
C GLY B 198 -7.38 -17.58 3.95
N THR B 199 -8.46 -17.11 3.35
CA THR B 199 -9.71 -16.91 4.08
C THR B 199 -10.93 -17.19 3.19
N LYS B 200 -11.79 -18.09 3.64
CA LYS B 200 -13.04 -18.35 2.93
C LYS B 200 -14.22 -17.82 3.73
N VAL B 201 -15.05 -17.01 3.08
CA VAL B 201 -16.19 -16.39 3.75
C VAL B 201 -17.49 -17.08 3.34
N ILE B 202 -18.01 -17.92 4.22
CA ILE B 202 -19.26 -18.65 3.95
C ILE B 202 -20.47 -17.83 4.37
N LEU B 203 -21.30 -17.47 3.39
CA LEU B 203 -22.47 -16.65 3.64
C LEU B 203 -23.76 -17.46 3.66
N HIS B 204 -24.48 -17.40 4.77
CA HIS B 204 -25.77 -18.07 4.87
C HIS B 204 -26.87 -17.14 4.38
N LEU B 205 -27.23 -17.29 3.10
CA LEU B 205 -28.14 -16.36 2.44
C LEU B 205 -29.55 -16.37 3.05
N LYS B 206 -30.28 -15.28 2.80
CA LYS B 206 -31.64 -15.14 3.29
C LYS B 206 -32.62 -15.87 2.37
N GLU B 207 -33.87 -15.97 2.80
CA GLU B 207 -34.89 -16.69 2.05
C GLU B 207 -35.18 -16.01 0.71
N ASP B 208 -35.14 -14.68 0.69
CA ASP B 208 -35.46 -13.93 -0.51
C ASP B 208 -34.22 -13.58 -1.33
N GLN B 209 -33.06 -13.92 -0.81
CA GLN B 209 -31.80 -13.58 -1.48
C GLN B 209 -31.05 -14.83 -1.97
N THR B 210 -31.77 -15.74 -2.62
CA THR B 210 -31.15 -16.94 -3.17
C THR B 210 -30.79 -16.72 -4.64
N GLU B 211 -31.05 -15.51 -5.12
CA GLU B 211 -30.78 -15.15 -6.50
C GLU B 211 -29.28 -15.18 -6.80
N TYR B 212 -28.47 -14.99 -5.78
CA TYR B 212 -27.02 -14.93 -5.95
C TYR B 212 -26.38 -16.31 -5.90
N LEU B 213 -27.22 -17.35 -5.95
CA LEU B 213 -26.75 -18.71 -6.08
C LEU B 213 -26.80 -19.15 -7.53
N GLU B 214 -27.36 -18.29 -8.38
CA GLU B 214 -27.54 -18.60 -9.79
C GLU B 214 -26.28 -18.29 -10.60
N GLU B 215 -25.96 -19.17 -11.54
CA GLU B 215 -24.76 -19.04 -12.35
C GLU B 215 -24.70 -17.73 -13.12
N ARG B 216 -25.82 -17.38 -13.74
CA ARG B 216 -25.89 -16.16 -14.55
C ARG B 216 -25.76 -14.92 -13.68
N ARG B 217 -26.44 -14.93 -12.53
CA ARG B 217 -26.46 -13.77 -11.64
C ARG B 217 -25.07 -13.42 -11.11
N VAL B 218 -24.33 -14.45 -10.70
CA VAL B 218 -22.98 -14.24 -10.18
C VAL B 218 -22.06 -13.71 -11.26
N LYS B 219 -22.08 -14.35 -12.42
CA LYS B 219 -21.27 -13.92 -13.56
C LYS B 219 -21.67 -12.51 -14.00
N GLU B 220 -22.94 -12.17 -13.76
CA GLU B 220 -23.44 -10.85 -14.09
C GLU B 220 -22.81 -9.77 -13.21
N VAL B 221 -22.77 -10.04 -11.90
CA VAL B 221 -22.26 -9.08 -10.92
C VAL B 221 -20.74 -8.93 -10.97
N VAL B 222 -20.04 -10.05 -11.11
CA VAL B 222 -18.58 -10.02 -11.17
C VAL B 222 -18.11 -9.16 -12.33
N LYS B 223 -18.69 -9.38 -13.51
CA LYS B 223 -18.42 -8.55 -14.67
C LYS B 223 -19.00 -7.15 -14.50
N LYS B 224 -20.06 -7.04 -13.69
CA LYS B 224 -20.74 -5.76 -13.47
C LYS B 224 -19.83 -4.63 -12.97
N HIS B 225 -19.10 -4.81 -11.86
CA HIS B 225 -17.95 -3.90 -11.62
C HIS B 225 -16.60 -4.50 -11.15
N SER B 226 -16.55 -5.48 -10.24
CA SER B 226 -15.21 -5.87 -9.76
C SER B 226 -14.43 -6.59 -10.86
N GLN B 227 -14.23 -5.85 -11.96
CA GLN B 227 -13.50 -6.32 -13.11
C GLN B 227 -12.11 -5.68 -13.09
N PHE B 228 -11.84 -4.96 -12.01
CA PHE B 228 -10.54 -4.33 -11.81
C PHE B 228 -9.61 -5.27 -11.06
N ILE B 229 -10.15 -6.38 -10.58
CA ILE B 229 -9.39 -7.35 -9.82
C ILE B 229 -8.25 -7.95 -10.65
N GLY B 230 -7.06 -7.97 -10.08
CA GLY B 230 -5.90 -8.48 -10.77
C GLY B 230 -5.69 -9.98 -10.58
N TYR B 231 -6.69 -10.65 -10.01
CA TYR B 231 -6.61 -12.08 -9.76
C TYR B 231 -7.76 -12.82 -10.43
N PRO B 232 -7.49 -14.06 -10.88
CA PRO B 232 -8.53 -14.87 -11.54
C PRO B 232 -9.69 -15.22 -10.61
N ILE B 233 -10.90 -14.83 -11.02
CA ILE B 233 -12.10 -15.15 -10.26
C ILE B 233 -12.82 -16.33 -10.91
N THR B 234 -12.66 -17.52 -10.34
CA THR B 234 -13.24 -18.72 -10.91
C THR B 234 -14.57 -19.10 -10.24
N LEU B 235 -15.48 -19.64 -11.02
CA LEU B 235 -16.80 -20.04 -10.53
C LEU B 235 -16.92 -21.56 -10.50
N TYR B 236 -17.68 -22.08 -9.54
CA TYR B 236 -17.88 -23.52 -9.42
C TYR B 236 -19.36 -23.89 -9.41
N LEU B 237 -19.67 -25.12 -9.82
CA LEU B 237 -21.05 -25.59 -9.88
C LEU B 237 -21.14 -27.12 -9.93
N GLU B 238 -22.24 -27.64 -9.40
CA GLU B 238 -22.50 -29.09 -9.39
C GLU B 238 -21.36 -29.90 -8.79
N GLY C 18 30.13 46.26 -36.99
CA GLY C 18 29.91 45.73 -35.65
C GLY C 18 29.78 44.22 -35.65
N SER C 19 30.60 43.56 -34.85
CA SER C 19 30.59 42.11 -34.77
C SER C 19 30.00 41.61 -33.46
N HIS C 20 29.97 42.48 -32.46
CA HIS C 20 29.49 42.11 -31.13
C HIS C 20 27.96 42.19 -31.01
N MET C 21 27.28 41.85 -32.09
CA MET C 21 25.81 41.81 -32.09
C MET C 21 25.33 40.39 -31.85
N PRO C 22 24.46 40.19 -30.84
CA PRO C 22 23.96 38.88 -30.42
C PRO C 22 23.05 38.21 -31.45
N GLU C 23 23.11 36.89 -31.51
CA GLU C 23 22.28 36.09 -32.41
C GLU C 23 22.32 34.62 -32.02
N GLU C 24 21.15 34.04 -31.74
CA GLU C 24 21.07 32.67 -31.25
C GLU C 24 21.10 31.65 -32.39
N VAL C 25 21.66 30.48 -32.13
CA VAL C 25 21.71 29.40 -33.11
C VAL C 25 20.99 28.16 -32.57
N HIS C 26 21.01 28.00 -31.25
CA HIS C 26 20.37 26.86 -30.60
C HIS C 26 19.69 27.32 -29.31
N HIS C 27 18.40 27.04 -29.17
CA HIS C 27 17.64 27.51 -28.02
C HIS C 27 17.79 26.56 -26.83
N GLY C 28 18.39 25.39 -27.07
CA GLY C 28 18.62 24.42 -26.03
C GLY C 28 17.37 23.62 -25.69
N GLU C 29 17.26 23.23 -24.43
CA GLU C 29 16.09 22.49 -23.96
C GLU C 29 14.85 23.38 -23.95
N GLU C 30 13.87 23.02 -24.75
CA GLU C 30 12.62 23.78 -24.80
C GLU C 30 11.83 23.62 -23.51
N GLU C 31 11.29 24.73 -23.01
CA GLU C 31 10.59 24.74 -21.74
C GLU C 31 9.35 23.85 -21.75
N VAL C 32 8.78 23.65 -22.93
CA VAL C 32 7.57 22.86 -23.08
C VAL C 32 7.79 21.67 -24.01
N GLU C 33 7.43 20.47 -23.56
CA GLU C 33 7.47 19.31 -24.43
C GLU C 33 6.12 18.58 -24.39
N THR C 34 5.56 18.33 -25.57
CA THR C 34 4.25 17.72 -25.68
C THR C 34 4.34 16.21 -25.87
N PHE C 35 3.68 15.46 -25.00
CA PHE C 35 3.59 14.01 -25.15
C PHE C 35 2.22 13.62 -25.66
N ALA C 36 1.93 12.32 -25.65
CA ALA C 36 0.64 11.83 -26.11
C ALA C 36 0.13 10.70 -25.21
N PHE C 37 -1.14 10.77 -24.84
CA PHE C 37 -1.77 9.72 -24.04
C PHE C 37 -1.74 8.39 -24.78
N GLN C 38 -1.84 7.31 -24.03
CA GLN C 38 -2.00 5.99 -24.63
C GLN C 38 -3.36 5.89 -25.31
N ALA C 39 -3.56 4.84 -26.09
CA ALA C 39 -4.79 4.66 -26.84
C ALA C 39 -6.02 4.66 -25.94
N GLU C 40 -6.02 3.77 -24.94
CA GLU C 40 -7.15 3.62 -24.05
C GLU C 40 -7.37 4.84 -23.17
N ILE C 41 -6.29 5.39 -22.62
CA ILE C 41 -6.36 6.54 -21.73
C ILE C 41 -6.96 7.76 -22.44
N ALA C 42 -6.62 7.91 -23.72
CA ALA C 42 -7.07 9.07 -24.49
C ALA C 42 -8.55 8.99 -24.84
N GLN C 43 -9.05 7.78 -25.12
CA GLN C 43 -10.44 7.63 -25.55
C GLN C 43 -11.42 7.67 -24.38
N LEU C 44 -10.93 7.36 -23.18
CA LEU C 44 -11.77 7.47 -21.98
C LEU C 44 -12.02 8.93 -21.64
N MET C 45 -10.97 9.74 -21.74
CA MET C 45 -11.07 11.17 -21.48
C MET C 45 -12.05 11.82 -22.45
N SER C 46 -12.12 11.29 -23.66
CA SER C 46 -13.07 11.76 -24.66
C SER C 46 -14.48 11.28 -24.32
N LEU C 47 -14.56 10.06 -23.79
CA LEU C 47 -15.85 9.46 -23.42
C LEU C 47 -16.41 10.12 -22.17
N ILE C 48 -15.53 10.72 -21.37
CA ILE C 48 -15.93 11.36 -20.13
C ILE C 48 -16.33 12.82 -20.35
N ILE C 49 -15.49 13.55 -21.07
CA ILE C 49 -15.66 14.99 -21.21
C ILE C 49 -16.76 15.36 -22.22
N ASN C 50 -17.23 14.39 -22.99
CA ASN C 50 -18.24 14.64 -24.00
C ASN C 50 -19.62 14.07 -23.65
N THR C 51 -19.65 12.80 -23.27
CA THR C 51 -20.92 12.14 -22.94
C THR C 51 -21.48 12.66 -21.63
N PHE C 52 -22.80 12.66 -21.52
CA PHE C 52 -23.49 13.17 -20.34
C PHE C 52 -23.37 12.22 -19.16
N TYR C 53 -23.27 12.79 -17.96
CA TYR C 53 -23.29 12.02 -16.73
C TYR C 53 -24.01 12.78 -15.62
N SER C 54 -24.89 12.08 -14.91
CA SER C 54 -25.70 12.69 -13.86
C SER C 54 -24.89 13.04 -12.63
N ASN C 55 -24.46 12.01 -11.90
CA ASN C 55 -23.69 12.22 -10.68
C ASN C 55 -22.25 12.62 -10.98
N LYS C 56 -22.02 13.92 -11.09
CA LYS C 56 -20.70 14.45 -11.44
C LYS C 56 -19.89 14.85 -10.21
N GLU C 57 -20.55 14.89 -9.04
CA GLU C 57 -19.89 15.34 -7.82
C GLU C 57 -18.88 14.32 -7.30
N ILE C 58 -18.76 13.19 -8.00
CA ILE C 58 -17.82 12.14 -7.63
C ILE C 58 -16.39 12.51 -7.97
N PHE C 59 -16.21 13.54 -8.79
CA PHE C 59 -14.88 13.98 -9.19
C PHE C 59 -14.13 14.49 -7.96
N LEU C 60 -14.84 15.20 -7.09
CA LEU C 60 -14.24 15.76 -5.89
C LEU C 60 -13.87 14.65 -4.92
N ARG C 61 -14.65 13.57 -4.93
CA ARG C 61 -14.37 12.43 -4.07
C ARG C 61 -13.10 11.71 -4.50
N GLU C 62 -12.95 11.50 -5.80
CA GLU C 62 -11.82 10.76 -6.33
C GLU C 62 -10.51 11.54 -6.27
N LEU C 63 -10.60 12.86 -6.48
CA LEU C 63 -9.42 13.71 -6.42
C LEU C 63 -8.91 13.82 -4.98
N ILE C 64 -9.84 13.85 -4.03
CA ILE C 64 -9.48 13.86 -2.61
C ILE C 64 -8.89 12.51 -2.23
N SER C 65 -9.47 11.44 -2.77
CA SER C 65 -8.99 10.09 -2.49
C SER C 65 -7.60 9.88 -3.07
N ASN C 66 -7.31 10.53 -4.20
CA ASN C 66 -5.98 10.48 -4.79
C ASN C 66 -4.96 11.17 -3.89
N ALA C 67 -5.37 12.28 -3.28
CA ALA C 67 -4.51 13.02 -2.38
C ALA C 67 -4.25 12.23 -1.10
N SER C 68 -5.20 11.39 -0.72
CA SER C 68 -5.06 10.55 0.47
C SER C 68 -4.08 9.40 0.20
N ASP C 69 -3.98 9.01 -1.06
CA ASP C 69 -3.01 8.00 -1.46
C ASP C 69 -1.60 8.56 -1.41
N ALA C 70 -1.45 9.80 -1.86
CA ALA C 70 -0.15 10.47 -1.87
C ALA C 70 0.33 10.74 -0.44
N LEU C 71 -0.60 11.03 0.45
CA LEU C 71 -0.28 11.30 1.84
C LEU C 71 0.11 10.03 2.60
N ASP C 72 -0.52 8.92 2.25
CA ASP C 72 -0.23 7.64 2.90
C ASP C 72 1.18 7.15 2.60
N LYS C 73 1.73 7.55 1.46
CA LYS C 73 3.05 7.10 1.03
C LYS C 73 4.17 7.93 1.66
N ILE C 74 3.98 9.25 1.72
CA ILE C 74 4.97 10.12 2.36
C ILE C 74 4.96 9.87 3.87
N ARG C 75 3.82 9.44 4.40
CA ARG C 75 3.71 9.08 5.80
C ARG C 75 4.41 7.75 6.05
N TYR C 76 4.46 6.91 5.02
CA TYR C 76 5.09 5.61 5.11
C TYR C 76 6.61 5.73 5.08
N GLU C 77 7.11 6.61 4.23
CA GLU C 77 8.55 6.82 4.11
C GLU C 77 9.09 7.61 5.30
N SER C 78 8.19 8.23 6.06
CA SER C 78 8.59 9.02 7.22
C SER C 78 9.01 8.12 8.38
N LEU C 79 8.63 6.86 8.32
CA LEU C 79 8.97 5.90 9.37
C LEU C 79 10.40 5.40 9.22
N THR C 80 10.88 5.33 7.99
CA THR C 80 12.23 4.87 7.70
C THR C 80 13.14 6.04 7.34
N ASP C 81 12.54 7.16 6.97
CA ASP C 81 13.29 8.36 6.61
C ASP C 81 12.49 9.61 6.95
N PRO C 82 12.61 10.07 8.21
CA PRO C 82 11.90 11.27 8.69
C PRO C 82 12.35 12.54 7.98
N SER C 83 13.53 12.49 7.36
CA SER C 83 14.08 13.66 6.68
C SER C 83 13.37 13.95 5.37
N LYS C 84 12.46 13.07 4.97
CA LYS C 84 11.66 13.30 3.77
C LYS C 84 10.56 14.33 4.05
N LEU C 85 10.23 14.50 5.34
CA LEU C 85 9.21 15.45 5.74
C LEU C 85 9.78 16.85 5.98
N ASP C 86 11.06 17.03 5.65
CA ASP C 86 11.71 18.32 5.80
C ASP C 86 11.14 19.36 4.85
N SER C 87 10.44 18.89 3.83
CA SER C 87 9.75 19.77 2.89
C SER C 87 8.56 20.43 3.57
N GLY C 88 7.75 19.60 4.21
CA GLY C 88 6.58 20.06 4.94
C GLY C 88 6.18 19.01 5.96
N LYS C 89 6.10 19.42 7.22
CA LYS C 89 5.84 18.47 8.31
C LYS C 89 4.35 18.23 8.51
N GLU C 90 3.51 18.96 7.78
CA GLU C 90 2.06 18.86 7.95
C GLU C 90 1.43 18.03 6.84
N LEU C 91 0.41 17.25 7.19
CA LEU C 91 -0.30 16.43 6.24
C LEU C 91 -1.75 16.88 6.12
N LYS C 92 -2.05 17.64 5.07
CA LYS C 92 -3.38 18.21 4.91
C LYS C 92 -3.81 18.31 3.45
N ILE C 93 -5.10 18.55 3.23
CA ILE C 93 -5.67 18.71 1.91
C ILE C 93 -6.50 19.98 1.83
N ASP C 94 -6.14 20.89 0.93
CA ASP C 94 -6.81 22.18 0.83
C ASP C 94 -7.66 22.31 -0.42
N ILE C 95 -8.81 22.96 -0.28
CA ILE C 95 -9.72 23.20 -1.41
C ILE C 95 -9.94 24.69 -1.60
N ILE C 96 -9.54 25.21 -2.76
CA ILE C 96 -9.66 26.64 -3.04
C ILE C 96 -10.49 26.91 -4.28
N PRO C 97 -11.65 27.57 -4.10
CA PRO C 97 -12.58 27.90 -5.20
C PRO C 97 -11.98 28.83 -6.25
N ASN C 98 -11.75 30.09 -5.90
CA ASN C 98 -11.38 31.13 -6.86
C ASN C 98 -12.51 31.22 -7.88
N PRO C 99 -13.48 32.11 -7.64
CA PRO C 99 -14.65 32.26 -8.51
C PRO C 99 -14.36 32.89 -9.87
N GLN C 100 -13.72 34.06 -9.89
CA GLN C 100 -13.53 34.81 -11.13
C GLN C 100 -12.77 34.01 -12.19
N GLU C 101 -11.58 33.55 -11.86
CA GLU C 101 -10.88 32.62 -12.74
C GLU C 101 -11.44 31.22 -12.51
N ARG C 102 -12.47 30.87 -13.25
CA ARG C 102 -13.23 29.63 -13.04
C ARG C 102 -12.34 28.40 -12.88
N THR C 103 -11.74 28.26 -11.71
CA THR C 103 -10.89 27.10 -11.40
C THR C 103 -11.34 26.43 -10.12
N LEU C 104 -10.62 25.39 -9.72
CA LEU C 104 -10.86 24.71 -8.45
C LEU C 104 -9.60 23.95 -8.04
N THR C 105 -8.80 24.57 -7.17
CA THR C 105 -7.51 24.03 -6.80
C THR C 105 -7.59 23.09 -5.60
N LEU C 106 -7.03 21.89 -5.76
CA LEU C 106 -6.96 20.94 -4.66
C LEU C 106 -5.51 20.74 -4.23
N VAL C 107 -5.10 21.47 -3.20
CA VAL C 107 -3.71 21.44 -2.73
C VAL C 107 -3.42 20.19 -1.91
N ASP C 108 -2.31 19.53 -2.24
CA ASP C 108 -1.89 18.32 -1.54
C ASP C 108 -0.49 18.50 -0.94
N THR C 109 -0.24 17.83 0.18
CA THR C 109 1.08 17.83 0.78
C THR C 109 1.60 16.40 0.92
N GLY C 110 1.31 15.58 -0.10
CA GLY C 110 1.70 14.19 -0.09
C GLY C 110 3.10 13.96 -0.62
N ILE C 111 3.37 12.74 -1.07
CA ILE C 111 4.70 12.38 -1.58
C ILE C 111 4.98 13.08 -2.90
N GLY C 112 3.91 13.41 -3.64
CA GLY C 112 4.05 14.07 -4.92
C GLY C 112 4.57 13.14 -6.00
N MET C 113 5.03 13.73 -7.10
CA MET C 113 5.57 12.95 -8.21
C MET C 113 6.81 13.59 -8.80
N THR C 114 7.72 12.76 -9.31
CA THR C 114 8.85 13.24 -10.08
C THR C 114 8.41 13.44 -11.53
N LYS C 115 9.25 14.09 -12.33
CA LYS C 115 8.92 14.32 -13.74
C LYS C 115 8.73 12.99 -14.45
N ALA C 116 9.52 12.00 -14.08
CA ALA C 116 9.42 10.67 -14.67
C ALA C 116 8.12 9.97 -14.24
N ASP C 117 7.58 10.37 -13.10
CA ASP C 117 6.32 9.81 -12.61
C ASP C 117 5.13 10.64 -13.09
N LEU C 118 5.35 11.93 -13.26
CA LEU C 118 4.30 12.83 -13.71
C LEU C 118 3.83 12.45 -15.12
N ILE C 119 4.77 12.07 -15.96
CA ILE C 119 4.46 11.67 -17.33
C ILE C 119 3.94 10.23 -17.38
N ASN C 120 4.53 9.36 -16.58
CA ASN C 120 4.20 7.94 -16.60
C ASN C 120 2.83 7.64 -16.02
N ASN C 121 2.57 8.12 -14.81
CA ASN C 121 1.33 7.81 -14.10
C ASN C 121 0.08 8.42 -14.73
N LEU C 122 0.24 9.59 -15.34
CA LEU C 122 -0.89 10.30 -15.92
C LEU C 122 -1.01 10.09 -17.43
N GLY C 123 0.07 9.61 -18.05
CA GLY C 123 0.11 9.49 -19.49
C GLY C 123 0.19 8.07 -20.01
N THR C 124 0.96 7.22 -19.33
CA THR C 124 1.21 5.87 -19.84
C THR C 124 0.55 4.78 -19.00
N ILE C 125 0.97 4.65 -17.74
CA ILE C 125 0.40 3.63 -16.85
C ILE C 125 -1.07 3.95 -16.59
N ALA C 126 -1.75 3.05 -15.88
CA ALA C 126 -3.19 3.13 -15.66
C ALA C 126 -3.94 3.10 -16.99
N LYS C 127 -3.29 2.52 -17.99
CA LYS C 127 -3.91 2.30 -19.29
C LYS C 127 -4.78 1.05 -19.21
N SER C 128 -4.28 0.06 -18.47
CA SER C 128 -5.02 -1.16 -18.22
C SER C 128 -6.20 -0.90 -17.29
N GLY C 129 -5.98 -0.02 -16.32
CA GLY C 129 -7.04 0.38 -15.42
C GLY C 129 -8.08 1.23 -16.13
N THR C 130 -7.64 1.86 -17.22
CA THR C 130 -8.53 2.65 -18.06
C THR C 130 -9.40 1.75 -18.92
N LYS C 131 -8.78 0.80 -19.61
CA LYS C 131 -9.48 -0.11 -20.50
C LYS C 131 -10.46 -0.99 -19.74
N ALA C 132 -10.05 -1.46 -18.57
CA ALA C 132 -10.89 -2.34 -17.75
C ALA C 132 -12.11 -1.59 -17.23
N PHE C 133 -12.02 -0.26 -17.18
CA PHE C 133 -13.14 0.56 -16.73
C PHE C 133 -14.14 0.79 -17.86
N MET C 134 -13.64 0.94 -19.08
CA MET C 134 -14.51 1.09 -20.24
C MET C 134 -15.19 -0.24 -20.56
N GLU C 135 -14.51 -1.34 -20.23
CA GLU C 135 -15.10 -2.67 -20.36
C GLU C 135 -16.10 -2.90 -19.25
N ALA C 136 -16.03 -2.08 -18.21
CA ALA C 136 -16.98 -2.15 -17.10
C ALA C 136 -18.16 -1.23 -17.36
N LEU C 137 -17.89 -0.07 -17.93
CA LEU C 137 -18.95 0.84 -18.38
C LEU C 137 -19.89 0.09 -19.30
N GLN C 138 -19.32 -0.52 -20.34
CA GLN C 138 -20.05 -1.48 -21.14
C GLN C 138 -20.42 -2.65 -20.25
N ALA C 139 -21.62 -3.18 -20.45
CA ALA C 139 -22.16 -4.26 -19.61
C ALA C 139 -22.24 -3.86 -18.14
N GLY C 140 -22.69 -2.62 -17.87
CA GLY C 140 -23.11 -2.28 -16.52
C GLY C 140 -22.60 -1.01 -15.86
N ALA C 141 -21.39 -1.08 -15.32
CA ALA C 141 -20.85 -0.08 -14.39
C ALA C 141 -21.05 1.37 -14.81
N ASP C 142 -21.48 2.20 -13.87
CA ASP C 142 -21.64 3.63 -14.11
C ASP C 142 -20.35 4.37 -13.81
N ILE C 143 -20.36 5.69 -14.00
CA ILE C 143 -19.17 6.51 -13.79
C ILE C 143 -18.78 6.58 -12.31
N SER C 144 -19.71 6.24 -11.44
CA SER C 144 -19.52 6.37 -9.99
C SER C 144 -18.35 5.55 -9.44
N MET C 145 -18.14 4.38 -10.04
CA MET C 145 -17.15 3.43 -9.57
C MET C 145 -15.86 3.49 -10.40
N ILE C 146 -15.47 4.70 -10.77
CA ILE C 146 -14.27 4.91 -11.57
C ILE C 146 -13.02 4.81 -10.69
N GLY C 147 -13.20 5.00 -9.39
CA GLY C 147 -12.09 5.04 -8.46
C GLY C 147 -11.45 3.70 -8.18
N GLN C 148 -12.23 2.63 -8.23
CA GLN C 148 -11.74 1.29 -7.94
C GLN C 148 -10.83 0.76 -9.03
N PHE C 149 -10.70 1.51 -10.11
CA PHE C 149 -9.84 1.12 -11.23
C PHE C 149 -8.51 1.87 -11.20
N GLY C 150 -8.34 2.71 -10.18
CA GLY C 150 -7.11 3.46 -10.00
C GLY C 150 -6.88 4.49 -11.09
N VAL C 151 -7.95 4.88 -11.76
CA VAL C 151 -7.89 5.89 -12.81
C VAL C 151 -8.86 7.02 -12.52
N GLY C 152 -9.20 7.18 -11.24
CA GLY C 152 -10.18 8.16 -10.82
C GLY C 152 -9.80 9.60 -11.11
N PHE C 153 -8.54 9.83 -11.46
CA PHE C 153 -8.06 11.16 -11.77
C PHE C 153 -8.79 11.76 -12.98
N TYR C 154 -9.07 10.93 -13.96
CA TYR C 154 -9.65 11.38 -15.22
C TYR C 154 -11.15 11.67 -15.08
N SER C 155 -11.68 11.48 -13.88
CA SER C 155 -13.05 11.84 -13.58
C SER C 155 -13.17 13.36 -13.41
N ALA C 156 -12.03 14.02 -13.36
CA ALA C 156 -11.98 15.48 -13.23
C ALA C 156 -12.60 16.15 -14.43
N TYR C 157 -12.47 15.53 -15.61
CA TYR C 157 -12.97 16.10 -16.84
C TYR C 157 -14.49 15.96 -16.98
N LEU C 158 -15.15 15.57 -15.90
CA LEU C 158 -16.60 15.59 -15.83
C LEU C 158 -17.07 17.03 -15.66
N VAL C 159 -16.24 17.83 -14.99
CA VAL C 159 -16.57 19.22 -14.69
C VAL C 159 -15.50 20.18 -15.19
N ALA C 160 -14.34 19.65 -15.52
CA ALA C 160 -13.19 20.50 -15.88
C ALA C 160 -13.02 20.65 -17.38
N GLU C 161 -12.83 21.90 -17.80
CA GLU C 161 -12.48 22.21 -19.18
C GLU C 161 -11.10 21.65 -19.49
N LYS C 162 -10.12 22.08 -18.71
CA LYS C 162 -8.77 21.53 -18.76
C LYS C 162 -8.20 21.41 -17.35
N VAL C 163 -7.21 20.55 -17.17
CA VAL C 163 -6.63 20.31 -15.86
C VAL C 163 -5.14 20.63 -15.82
N VAL C 164 -4.75 21.51 -14.90
CA VAL C 164 -3.35 21.87 -14.71
C VAL C 164 -2.81 21.29 -13.41
N VAL C 165 -1.84 20.39 -13.52
CA VAL C 165 -1.30 19.72 -12.34
C VAL C 165 0.11 20.21 -11.98
N ILE C 166 0.24 20.79 -10.79
CA ILE C 166 1.53 21.26 -10.30
C ILE C 166 2.02 20.36 -9.17
N THR C 167 3.02 19.53 -9.45
CA THR C 167 3.53 18.60 -8.46
C THR C 167 5.01 18.82 -8.16
N LYS C 168 5.45 18.35 -6.99
CA LYS C 168 6.85 18.40 -6.62
C LYS C 168 7.22 17.23 -5.71
N HIS C 169 8.39 16.65 -5.97
CA HIS C 169 8.88 15.53 -5.18
C HIS C 169 10.14 15.94 -4.42
N ASN C 170 10.55 15.13 -3.45
CA ASN C 170 11.74 15.42 -2.66
C ASN C 170 13.02 15.21 -3.46
N ASP C 171 12.93 14.47 -4.56
CA ASP C 171 14.11 14.14 -5.36
C ASP C 171 14.21 14.94 -6.65
N ASP C 172 13.08 15.37 -7.18
CA ASP C 172 13.09 16.13 -8.44
C ASP C 172 12.52 17.53 -8.25
N GLU C 173 12.57 18.33 -9.31
CA GLU C 173 12.10 19.71 -9.28
C GLU C 173 10.57 19.78 -9.40
N GLN C 174 10.05 21.01 -9.38
CA GLN C 174 8.62 21.24 -9.47
C GLN C 174 8.18 21.44 -10.93
N TYR C 175 7.34 20.54 -11.42
CA TYR C 175 6.90 20.57 -12.81
C TYR C 175 5.40 20.83 -12.93
N ALA C 176 4.96 21.16 -14.14
CA ALA C 176 3.57 21.47 -14.41
C ALA C 176 2.99 20.55 -15.48
N TRP C 177 1.89 19.89 -15.16
CA TRP C 177 1.23 18.98 -16.10
C TRP C 177 -0.12 19.56 -16.55
N GLU C 178 -0.28 19.74 -17.84
CA GLU C 178 -1.51 20.28 -18.38
C GLU C 178 -2.06 19.44 -19.52
N SER C 179 -3.37 19.23 -19.52
CA SER C 179 -4.04 18.51 -20.60
C SER C 179 -5.46 19.04 -20.79
N SER C 180 -5.75 19.48 -22.01
CA SER C 180 -7.07 19.98 -22.35
C SER C 180 -7.94 18.84 -22.88
N ALA C 181 -7.52 17.61 -22.59
CA ALA C 181 -8.21 16.40 -23.02
C ALA C 181 -8.37 16.34 -24.54
N GLY C 182 -7.26 16.47 -25.25
CA GLY C 182 -7.27 16.38 -26.70
C GLY C 182 -6.61 15.10 -27.19
N GLY C 183 -6.13 14.29 -26.26
CA GLY C 183 -5.42 13.08 -26.58
C GLY C 183 -3.93 13.24 -26.35
N SER C 184 -3.53 14.46 -26.02
CA SER C 184 -2.13 14.77 -25.76
C SER C 184 -2.00 15.74 -24.58
N PHE C 185 -0.87 15.66 -23.88
CA PHE C 185 -0.61 16.54 -22.76
C PHE C 185 0.77 17.18 -22.87
N THR C 186 1.02 18.21 -22.07
CA THR C 186 2.30 18.89 -22.08
C THR C 186 2.89 18.96 -20.68
N VAL C 187 4.19 18.76 -20.58
CA VAL C 187 4.89 18.83 -19.30
C VAL C 187 5.92 19.96 -19.33
N ARG C 188 5.74 20.92 -18.42
CA ARG C 188 6.66 22.05 -18.33
C ARG C 188 7.42 22.01 -17.01
N ALA C 189 8.43 22.87 -16.88
CA ALA C 189 9.12 23.06 -15.62
C ALA C 189 8.49 24.25 -14.90
N ASP C 190 7.62 23.98 -13.94
CA ASP C 190 6.87 25.03 -13.26
C ASP C 190 7.78 25.98 -12.51
N HIS C 191 7.63 27.28 -12.78
CA HIS C 191 8.42 28.30 -12.13
C HIS C 191 7.54 29.29 -11.37
N GLY C 192 6.35 28.83 -10.99
CA GLY C 192 5.43 29.64 -10.21
C GLY C 192 5.77 29.59 -8.74
N GLU C 193 4.75 29.73 -7.90
CA GLU C 193 4.95 29.68 -6.45
C GLU C 193 5.30 28.27 -5.99
N PRO C 194 6.44 28.12 -5.30
CA PRO C 194 6.89 26.82 -4.79
C PRO C 194 5.89 26.23 -3.79
N ILE C 195 5.72 24.91 -3.83
CA ILE C 195 4.75 24.24 -2.97
C ILE C 195 5.44 23.29 -1.99
N GLY C 196 6.76 23.25 -2.04
CA GLY C 196 7.53 22.39 -1.15
C GLY C 196 7.40 20.91 -1.47
N ARG C 197 6.21 20.37 -1.22
CA ARG C 197 5.95 18.96 -1.50
C ARG C 197 4.45 18.71 -1.66
N GLY C 198 4.09 17.84 -2.59
CA GLY C 198 2.69 17.50 -2.81
C GLY C 198 2.25 17.68 -4.25
N THR C 199 0.96 17.98 -4.44
CA THR C 199 0.41 18.15 -5.77
C THR C 199 -0.71 19.18 -5.81
N LYS C 200 -0.62 20.11 -6.75
CA LYS C 200 -1.70 21.07 -6.98
C LYS C 200 -2.53 20.65 -8.19
N VAL C 201 -3.83 20.51 -7.99
CA VAL C 201 -4.72 20.13 -9.08
C VAL C 201 -5.70 21.26 -9.38
N ILE C 202 -5.34 22.10 -10.36
CA ILE C 202 -6.16 23.22 -10.76
C ILE C 202 -7.18 22.79 -11.82
N LEU C 203 -8.46 22.99 -11.52
CA LEU C 203 -9.53 22.52 -12.39
C LEU C 203 -10.31 23.67 -13.05
N HIS C 204 -9.89 24.05 -14.25
CA HIS C 204 -10.65 25.04 -15.01
C HIS C 204 -12.02 24.47 -15.35
N LEU C 205 -13.03 24.93 -14.61
CA LEU C 205 -14.37 24.36 -14.71
C LEU C 205 -15.09 24.72 -16.01
N LYS C 206 -16.12 23.95 -16.32
CA LYS C 206 -16.95 24.21 -17.49
C LYS C 206 -17.96 25.32 -17.18
N GLU C 207 -18.75 25.69 -18.18
CA GLU C 207 -19.74 26.75 -18.01
C GLU C 207 -20.85 26.31 -17.07
N ASP C 208 -21.38 25.11 -17.28
CA ASP C 208 -22.52 24.63 -16.51
C ASP C 208 -22.10 23.89 -15.24
N GLN C 209 -20.81 23.91 -14.92
CA GLN C 209 -20.30 23.23 -13.74
C GLN C 209 -19.79 24.22 -12.70
N THR C 210 -20.32 25.44 -12.74
CA THR C 210 -19.90 26.49 -11.82
C THR C 210 -20.52 26.32 -10.43
N GLU C 211 -21.29 25.25 -10.25
CA GLU C 211 -21.94 24.99 -8.97
C GLU C 211 -20.93 24.61 -7.90
N TYR C 212 -19.80 24.04 -8.33
CA TYR C 212 -18.77 23.57 -7.39
C TYR C 212 -17.83 24.70 -6.98
N LEU C 213 -18.30 25.94 -7.11
CA LEU C 213 -17.53 27.10 -6.66
C LEU C 213 -18.12 27.65 -5.36
N GLU C 214 -19.31 27.16 -5.02
CA GLU C 214 -20.01 27.62 -3.84
C GLU C 214 -19.55 26.89 -2.58
N GLU C 215 -19.56 27.60 -1.45
CA GLU C 215 -19.18 27.02 -0.17
C GLU C 215 -20.11 25.89 0.23
N ARG C 216 -21.40 26.14 0.09
CA ARG C 216 -22.42 25.17 0.46
C ARG C 216 -22.33 23.88 -0.36
N ARG C 217 -22.09 24.03 -1.66
CA ARG C 217 -22.03 22.89 -2.57
C ARG C 217 -20.83 22.00 -2.28
N VAL C 218 -19.70 22.60 -1.95
CA VAL C 218 -18.49 21.86 -1.62
C VAL C 218 -18.66 21.11 -0.30
N LYS C 219 -19.19 21.80 0.70
CA LYS C 219 -19.37 21.22 2.03
C LYS C 219 -20.30 20.00 2.02
N GLU C 220 -21.22 19.95 1.05
CA GLU C 220 -22.13 18.82 0.92
C GLU C 220 -21.41 17.60 0.36
N VAL C 221 -20.67 17.80 -0.73
CA VAL C 221 -19.97 16.71 -1.41
C VAL C 221 -18.94 16.06 -0.49
N VAL C 222 -18.14 16.90 0.18
CA VAL C 222 -17.12 16.40 1.09
C VAL C 222 -17.73 15.60 2.24
N LYS C 223 -18.77 16.16 2.85
CA LYS C 223 -19.48 15.47 3.93
C LYS C 223 -20.10 14.17 3.47
N LYS C 224 -20.69 14.17 2.28
CA LYS C 224 -21.38 13.01 1.75
C LYS C 224 -20.42 11.90 1.36
N HIS C 225 -19.32 12.26 0.71
CA HIS C 225 -18.43 11.27 0.12
C HIS C 225 -17.16 11.03 0.93
N SER C 226 -16.23 11.99 0.89
CA SER C 226 -14.91 11.79 1.49
C SER C 226 -14.87 12.15 2.97
N GLN C 227 -15.67 11.45 3.78
CA GLN C 227 -15.66 11.64 5.23
C GLN C 227 -14.91 10.49 5.89
N PHE C 228 -14.22 9.70 5.08
CA PHE C 228 -13.44 8.57 5.56
C PHE C 228 -11.94 8.91 5.54
N ILE C 229 -11.62 10.08 5.03
CA ILE C 229 -10.23 10.52 4.91
C ILE C 229 -9.58 10.70 6.27
N GLY C 230 -8.31 10.28 6.38
CA GLY C 230 -7.57 10.41 7.61
C GLY C 230 -6.73 11.67 7.64
N TYR C 231 -7.10 12.65 6.83
CA TYR C 231 -6.36 13.91 6.76
C TYR C 231 -7.31 15.09 6.68
N PRO C 232 -6.95 16.19 7.37
CA PRO C 232 -7.82 17.38 7.48
C PRO C 232 -8.05 18.08 6.14
N ILE C 233 -9.32 18.25 5.78
CA ILE C 233 -9.69 18.96 4.57
C ILE C 233 -10.16 20.37 4.92
N THR C 234 -9.66 21.37 4.20
CA THR C 234 -9.95 22.76 4.51
C THR C 234 -10.32 23.56 3.26
N LEU C 235 -11.31 24.44 3.41
CA LEU C 235 -11.81 25.26 2.31
C LEU C 235 -11.38 26.72 2.46
N TYR C 236 -10.66 27.24 1.47
CA TYR C 236 -10.16 28.61 1.52
C TYR C 236 -10.97 29.56 0.62
N LEU C 237 -11.93 30.26 1.21
CA LEU C 237 -12.80 31.15 0.44
C LEU C 237 -12.37 32.61 0.54
N GLU C 238 -12.86 33.42 -0.39
CA GLU C 238 -12.52 34.85 -0.43
C GLU C 238 -13.27 35.63 0.64
N LYS C 239 -13.17 36.96 0.57
CA LYS C 239 -13.80 37.84 1.55
C LYS C 239 -15.07 38.48 0.99
N GLU C 240 -16.22 37.84 1.25
CA GLU C 240 -17.50 38.36 0.79
C GLU C 240 -18.66 37.78 1.57
N ARG C 241 -19.46 38.64 2.19
CA ARG C 241 -20.60 38.20 2.97
C ARG C 241 -21.67 37.54 2.10
N GLU C 242 -21.92 38.13 0.93
CA GLU C 242 -22.88 37.61 -0.03
C GLU C 242 -24.25 37.40 0.60
N SER D 19 -16.42 -33.73 -8.12
CA SER D 19 -16.75 -32.57 -7.32
C SER D 19 -17.53 -31.54 -8.15
N HIS D 20 -16.93 -30.39 -8.39
CA HIS D 20 -17.59 -29.31 -9.12
C HIS D 20 -16.85 -28.94 -10.40
N MET D 21 -17.59 -28.41 -11.37
CA MET D 21 -17.02 -27.97 -12.64
C MET D 21 -16.69 -26.48 -12.60
N PRO D 22 -15.42 -26.13 -12.88
CA PRO D 22 -14.94 -24.75 -12.79
C PRO D 22 -15.17 -23.93 -14.07
N GLU D 23 -15.45 -22.64 -13.89
CA GLU D 23 -15.56 -21.70 -15.00
C GLU D 23 -14.96 -20.36 -14.60
N GLU D 24 -13.92 -19.94 -15.32
CA GLU D 24 -13.24 -18.69 -15.00
C GLU D 24 -14.05 -17.48 -15.47
N VAL D 25 -14.73 -16.83 -14.53
CA VAL D 25 -15.54 -15.66 -14.83
C VAL D 25 -14.66 -14.45 -15.14
N HIS D 26 -13.83 -14.08 -14.18
CA HIS D 26 -12.88 -12.99 -14.38
C HIS D 26 -11.47 -13.54 -14.57
N HIS D 27 -10.79 -13.08 -15.61
CA HIS D 27 -9.50 -13.61 -16.00
C HIS D 27 -8.37 -13.04 -15.15
N GLY D 28 -8.59 -11.88 -14.57
CA GLY D 28 -7.59 -11.22 -13.75
C GLY D 28 -6.65 -10.35 -14.56
N GLU D 29 -5.62 -9.83 -13.91
CA GLU D 29 -4.63 -9.00 -14.58
C GLU D 29 -3.93 -9.79 -15.68
N GLU D 30 -3.91 -9.23 -16.88
CA GLU D 30 -3.32 -9.91 -18.04
C GLU D 30 -1.82 -10.09 -17.86
N GLU D 31 -1.32 -11.28 -18.21
CA GLU D 31 0.09 -11.60 -18.08
C GLU D 31 0.95 -10.80 -19.04
N VAL D 32 0.39 -10.49 -20.21
CA VAL D 32 1.11 -9.75 -21.24
C VAL D 32 0.43 -8.42 -21.54
N GLU D 33 1.06 -7.33 -21.13
CA GLU D 33 0.52 -5.99 -21.36
C GLU D 33 1.24 -5.34 -22.54
N THR D 34 0.49 -4.55 -23.32
CA THR D 34 1.05 -3.92 -24.51
C THR D 34 0.85 -2.40 -24.51
N PHE D 35 1.95 -1.67 -24.65
CA PHE D 35 1.90 -0.21 -24.74
C PHE D 35 2.25 0.24 -26.16
N ALA D 36 2.10 1.53 -26.42
CA ALA D 36 2.40 2.08 -27.73
C ALA D 36 3.51 3.13 -27.65
N PHE D 37 4.49 3.03 -28.56
CA PHE D 37 5.57 3.99 -28.63
C PHE D 37 5.05 5.39 -28.95
N GLN D 38 5.82 6.41 -28.57
CA GLN D 38 5.49 7.78 -28.95
C GLN D 38 5.66 7.96 -30.45
N ALA D 39 5.24 9.11 -30.96
CA ALA D 39 5.27 9.37 -32.39
C ALA D 39 6.70 9.34 -32.95
N GLU D 40 7.57 10.15 -32.38
CA GLU D 40 8.93 10.30 -32.87
C GLU D 40 9.78 9.06 -32.61
N ILE D 41 9.46 8.33 -31.56
CA ILE D 41 10.20 7.10 -31.24
C ILE D 41 9.94 6.02 -32.28
N ALA D 42 8.66 5.71 -32.51
CA ALA D 42 8.27 4.71 -33.48
C ALA D 42 8.70 5.12 -34.90
N GLN D 43 8.83 6.44 -35.10
CA GLN D 43 9.29 6.96 -36.38
C GLN D 43 10.76 6.67 -36.59
N LEU D 44 11.59 7.02 -35.61
CA LEU D 44 13.03 6.80 -35.70
C LEU D 44 13.36 5.31 -35.74
N MET D 45 12.58 4.52 -35.03
CA MET D 45 12.74 3.06 -35.07
C MET D 45 12.48 2.54 -36.48
N SER D 46 11.57 3.20 -37.18
CA SER D 46 11.25 2.83 -38.55
C SER D 46 12.35 3.29 -39.51
N LEU D 47 12.86 4.50 -39.28
CA LEU D 47 13.93 5.06 -40.09
C LEU D 47 15.19 4.20 -39.98
N ILE D 48 15.57 3.88 -38.74
CA ILE D 48 16.77 3.11 -38.47
C ILE D 48 16.69 1.69 -39.06
N ILE D 49 15.54 1.06 -38.93
CA ILE D 49 15.35 -0.31 -39.38
C ILE D 49 15.17 -0.39 -40.90
N ASN D 50 15.08 0.76 -41.56
CA ASN D 50 14.82 0.78 -43.00
C ASN D 50 16.00 1.32 -43.82
N THR D 51 16.72 2.29 -43.26
CA THR D 51 17.83 2.91 -43.98
C THR D 51 18.97 1.94 -44.25
N PHE D 52 19.46 1.95 -45.48
CA PHE D 52 20.65 1.18 -45.85
C PHE D 52 21.88 1.98 -45.44
N TYR D 53 22.47 1.61 -44.31
CA TYR D 53 23.61 2.36 -43.78
C TYR D 53 24.89 1.54 -43.86
N SER D 54 26.00 2.21 -44.08
CA SER D 54 27.30 1.55 -44.17
C SER D 54 27.72 0.99 -42.82
N ASN D 55 28.24 1.86 -41.96
CA ASN D 55 28.78 1.46 -40.67
C ASN D 55 27.69 1.11 -39.66
N LYS D 56 27.21 -0.13 -39.72
CA LYS D 56 26.21 -0.61 -38.78
C LYS D 56 26.84 -1.27 -37.57
N GLU D 57 28.16 -1.08 -37.41
CA GLU D 57 28.88 -1.63 -36.27
C GLU D 57 28.51 -0.90 -34.99
N ILE D 58 28.00 0.32 -35.14
CA ILE D 58 27.74 1.19 -34.00
C ILE D 58 26.65 0.68 -33.07
N PHE D 59 25.89 -0.32 -33.50
CA PHE D 59 24.84 -0.90 -32.68
C PHE D 59 25.43 -1.47 -31.40
N LEU D 60 26.62 -2.07 -31.54
CA LEU D 60 27.28 -2.70 -30.40
C LEU D 60 27.95 -1.64 -29.54
N ARG D 61 28.53 -0.64 -30.17
CA ARG D 61 29.19 0.45 -29.47
C ARG D 61 28.21 1.18 -28.56
N GLU D 62 27.05 1.53 -29.10
CA GLU D 62 26.05 2.27 -28.35
C GLU D 62 25.43 1.44 -27.23
N LEU D 63 25.17 0.16 -27.52
CA LEU D 63 24.60 -0.73 -26.52
C LEU D 63 25.57 -1.01 -25.38
N ILE D 64 26.84 -1.24 -25.72
CA ILE D 64 27.87 -1.43 -24.70
C ILE D 64 28.04 -0.16 -23.89
N SER D 65 27.98 0.98 -24.57
CA SER D 65 28.07 2.27 -23.89
C SER D 65 26.91 2.46 -22.93
N ASN D 66 25.74 1.96 -23.31
CA ASN D 66 24.56 2.00 -22.46
C ASN D 66 24.72 1.15 -21.21
N ALA D 67 25.32 -0.02 -21.38
CA ALA D 67 25.57 -0.93 -20.26
C ALA D 67 26.50 -0.29 -19.25
N SER D 68 27.43 0.52 -19.74
CA SER D 68 28.40 1.18 -18.89
C SER D 68 27.75 2.29 -18.07
N ASP D 69 26.65 2.84 -18.57
CA ASP D 69 25.92 3.88 -17.84
C ASP D 69 25.16 3.28 -16.66
N ALA D 70 24.58 2.10 -16.87
CA ALA D 70 23.85 1.41 -15.81
C ALA D 70 24.78 0.94 -14.72
N LEU D 71 26.00 0.55 -15.11
CA LEU D 71 27.01 0.10 -14.17
C LEU D 71 27.54 1.26 -13.33
N ASP D 72 27.57 2.45 -13.91
CA ASP D 72 28.01 3.64 -13.20
C ASP D 72 26.97 4.08 -12.17
N LYS D 73 25.70 3.91 -12.53
CA LYS D 73 24.60 4.33 -11.67
C LYS D 73 24.54 3.51 -10.39
N ILE D 74 24.71 2.19 -10.52
CA ILE D 74 24.69 1.32 -9.36
C ILE D 74 25.96 1.48 -8.54
N ARG D 75 27.04 1.91 -9.20
CA ARG D 75 28.31 2.13 -8.53
C ARG D 75 28.24 3.36 -7.63
N TYR D 76 27.65 4.43 -8.14
CA TYR D 76 27.48 5.67 -7.39
C TYR D 76 26.51 5.46 -6.23
N GLU D 77 25.48 4.66 -6.46
CA GLU D 77 24.46 4.41 -5.46
C GLU D 77 24.99 3.47 -4.38
N SER D 78 26.07 2.76 -4.69
CA SER D 78 26.67 1.81 -3.76
C SER D 78 27.72 2.46 -2.87
N LEU D 79 28.29 3.56 -3.34
CA LEU D 79 29.31 4.27 -2.57
C LEU D 79 28.69 4.93 -1.34
N THR D 80 27.39 5.20 -1.42
CA THR D 80 26.66 5.77 -0.31
C THR D 80 25.88 4.69 0.45
N ASP D 81 25.75 3.53 -0.19
CA ASP D 81 25.02 2.41 0.39
C ASP D 81 25.39 1.09 -0.30
N PRO D 82 26.40 0.39 0.25
CA PRO D 82 26.92 -0.87 -0.31
C PRO D 82 25.90 -2.00 -0.31
N SER D 83 24.76 -1.78 0.31
CA SER D 83 23.71 -2.79 0.39
C SER D 83 23.09 -3.10 -0.98
N LYS D 84 23.20 -2.14 -1.89
CA LYS D 84 22.58 -2.29 -3.21
C LYS D 84 23.32 -3.29 -4.09
N LEU D 85 24.52 -3.68 -3.67
CA LEU D 85 25.31 -4.64 -4.45
C LEU D 85 25.15 -6.07 -3.92
N ASP D 86 24.19 -6.27 -3.02
CA ASP D 86 23.93 -7.59 -2.46
C ASP D 86 23.33 -8.52 -3.51
N SER D 87 22.74 -7.94 -4.54
CA SER D 87 22.14 -8.72 -5.63
C SER D 87 23.20 -9.11 -6.66
N GLY D 88 24.24 -8.31 -6.77
CA GLY D 88 25.33 -8.57 -7.70
C GLY D 88 26.61 -7.90 -7.24
N LYS D 89 27.67 -8.70 -7.09
CA LYS D 89 28.93 -8.20 -6.58
C LYS D 89 29.81 -7.62 -7.68
N GLU D 90 29.89 -8.32 -8.80
CA GLU D 90 30.79 -7.92 -9.88
C GLU D 90 30.12 -7.01 -10.90
N LEU D 91 30.80 -5.93 -11.27
CA LEU D 91 30.33 -5.02 -12.29
C LEU D 91 31.00 -5.36 -13.63
N LYS D 92 30.27 -6.04 -14.50
CA LYS D 92 30.84 -6.54 -15.75
C LYS D 92 29.91 -6.34 -16.94
N ILE D 93 30.43 -6.62 -18.13
CA ILE D 93 29.63 -6.63 -19.35
C ILE D 93 29.91 -7.92 -20.12
N ASP D 94 28.87 -8.70 -20.38
CA ASP D 94 29.04 -9.98 -21.06
C ASP D 94 28.33 -10.01 -22.41
N ILE D 95 28.97 -10.64 -23.39
CA ILE D 95 28.39 -10.79 -24.72
C ILE D 95 28.26 -12.26 -25.07
N ILE D 96 27.03 -12.72 -25.25
CA ILE D 96 26.78 -14.13 -25.51
C ILE D 96 26.07 -14.35 -26.84
N PRO D 97 26.84 -14.52 -27.93
CA PRO D 97 26.27 -14.86 -29.22
C PRO D 97 25.92 -16.35 -29.31
N ASN D 98 24.89 -16.67 -30.09
CA ASN D 98 24.51 -18.07 -30.28
C ASN D 98 23.79 -18.26 -31.61
N PRO D 99 24.49 -18.86 -32.59
CA PRO D 99 23.98 -19.08 -33.95
C PRO D 99 22.81 -20.06 -34.01
N GLN D 100 22.54 -20.76 -32.91
CA GLN D 100 21.40 -21.67 -32.84
C GLN D 100 20.10 -20.92 -33.09
N GLU D 101 19.76 -20.01 -32.18
CA GLU D 101 18.55 -19.22 -32.30
C GLU D 101 18.81 -17.96 -33.14
N ARG D 102 20.03 -17.85 -33.67
CA ARG D 102 20.45 -16.72 -34.49
C ARG D 102 20.24 -15.39 -33.77
N THR D 103 20.76 -15.31 -32.54
CA THR D 103 20.55 -14.12 -31.72
C THR D 103 21.84 -13.70 -31.00
N LEU D 104 21.94 -12.41 -30.70
CA LEU D 104 23.10 -11.87 -29.99
C LEU D 104 22.68 -11.29 -28.64
N THR D 105 23.14 -11.91 -27.57
CA THR D 105 22.76 -11.50 -26.21
C THR D 105 23.82 -10.60 -25.57
N LEU D 106 23.38 -9.52 -24.93
CA LEU D 106 24.27 -8.61 -24.25
C LEU D 106 23.84 -8.41 -22.80
N VAL D 107 24.57 -9.05 -21.88
CA VAL D 107 24.21 -9.04 -20.46
C VAL D 107 25.11 -8.13 -19.63
N ASP D 108 24.50 -7.21 -18.90
CA ASP D 108 25.24 -6.37 -17.96
C ASP D 108 24.61 -6.47 -16.56
N THR D 109 25.39 -6.11 -15.55
CA THR D 109 24.90 -6.15 -14.17
C THR D 109 24.79 -4.74 -13.61
N GLY D 110 24.19 -3.83 -14.37
CA GLY D 110 24.06 -2.45 -13.98
C GLY D 110 22.99 -2.21 -12.94
N ILE D 111 22.57 -0.96 -12.80
CA ILE D 111 21.56 -0.58 -11.81
C ILE D 111 20.22 -1.21 -12.14
N GLY D 112 19.97 -1.44 -13.43
CA GLY D 112 18.71 -2.00 -13.87
C GLY D 112 17.58 -0.99 -13.79
N MET D 113 16.53 -1.24 -14.56
CA MET D 113 15.36 -0.37 -14.56
C MET D 113 14.17 -1.09 -13.95
N THR D 114 13.32 -0.34 -13.26
CA THR D 114 12.09 -0.89 -12.71
C THR D 114 11.04 -1.03 -13.81
N LYS D 115 9.93 -1.70 -13.50
CA LYS D 115 8.85 -1.87 -14.46
C LYS D 115 8.32 -0.53 -14.94
N ALA D 116 8.17 0.41 -14.01
CA ALA D 116 7.66 1.73 -14.34
C ALA D 116 8.66 2.54 -15.16
N ASP D 117 9.93 2.15 -15.10
CA ASP D 117 10.97 2.83 -15.84
C ASP D 117 11.33 2.09 -17.13
N LEU D 118 10.94 0.82 -17.21
CA LEU D 118 11.09 0.06 -18.44
C LEU D 118 10.22 0.68 -19.52
N ILE D 119 8.93 0.83 -19.19
CA ILE D 119 7.94 1.38 -20.10
C ILE D 119 8.25 2.83 -20.43
N ASN D 120 8.69 3.58 -19.43
CA ASN D 120 8.90 5.02 -19.58
C ASN D 120 10.12 5.36 -20.43
N ASN D 121 11.26 4.75 -20.09
CA ASN D 121 12.52 5.05 -20.77
C ASN D 121 12.57 4.54 -22.21
N LEU D 122 12.24 3.27 -22.40
CA LEU D 122 12.32 2.65 -23.71
C LEU D 122 11.10 2.95 -24.59
N GLY D 123 10.09 3.58 -24.00
CA GLY D 123 8.83 3.79 -24.70
C GLY D 123 8.35 5.21 -24.82
N THR D 124 8.71 6.07 -23.86
CA THR D 124 8.17 7.42 -23.84
C THR D 124 9.24 8.51 -23.71
N ILE D 125 10.04 8.44 -22.66
CA ILE D 125 11.05 9.46 -22.37
C ILE D 125 11.95 9.77 -23.57
N ALA D 126 12.31 8.72 -24.30
CA ALA D 126 13.23 8.83 -25.42
C ALA D 126 12.66 9.61 -26.60
N LYS D 127 11.45 10.15 -26.44
CA LYS D 127 10.80 10.92 -27.50
C LYS D 127 11.58 12.18 -27.86
N SER D 128 12.01 12.93 -26.85
CA SER D 128 12.76 14.15 -27.06
C SER D 128 14.06 13.90 -27.80
N GLY D 129 14.73 12.80 -27.46
CA GLY D 129 15.99 12.44 -28.10
C GLY D 129 15.81 11.97 -29.53
N THR D 130 14.75 11.22 -29.78
CA THR D 130 14.47 10.72 -31.12
C THR D 130 14.12 11.84 -32.08
N LYS D 131 13.37 12.82 -31.59
CA LYS D 131 13.01 13.98 -32.40
C LYS D 131 14.25 14.81 -32.73
N ALA D 132 15.04 15.10 -31.72
CA ALA D 132 16.25 15.91 -31.89
C ALA D 132 17.25 15.26 -32.83
N PHE D 133 17.31 13.93 -32.81
CA PHE D 133 18.23 13.21 -33.68
C PHE D 133 17.80 13.28 -35.14
N MET D 134 16.49 13.18 -35.37
CA MET D 134 15.96 13.19 -36.73
C MET D 134 15.98 14.58 -37.35
N GLU D 135 15.80 15.61 -36.53
CA GLU D 135 15.92 16.98 -37.02
C GLU D 135 17.38 17.28 -37.34
N ALA D 136 18.28 16.51 -36.74
CA ALA D 136 19.71 16.64 -36.99
C ALA D 136 20.14 15.84 -38.22
N LEU D 137 19.36 14.82 -38.55
CA LEU D 137 19.60 14.02 -39.75
C LEU D 137 19.41 14.89 -40.99
N GLN D 138 18.48 15.83 -40.91
CA GLN D 138 18.21 16.75 -42.00
C GLN D 138 19.27 17.85 -42.06
N ALA D 139 20.13 17.90 -41.05
CA ALA D 139 21.19 18.89 -40.99
C ALA D 139 22.53 18.32 -41.43
N GLY D 140 22.53 17.03 -41.79
CA GLY D 140 23.72 16.40 -42.32
C GLY D 140 24.27 15.27 -41.46
N ALA D 141 23.84 15.22 -40.21
CA ALA D 141 24.31 14.19 -39.28
C ALA D 141 23.90 12.80 -39.73
N ASP D 142 24.71 11.80 -39.39
CA ASP D 142 24.41 10.42 -39.75
C ASP D 142 23.93 9.62 -38.54
N ILE D 143 23.80 8.30 -38.73
CA ILE D 143 23.33 7.42 -37.67
C ILE D 143 24.41 7.23 -36.61
N SER D 144 25.65 7.54 -36.96
CA SER D 144 26.79 7.36 -36.06
C SER D 144 26.74 8.29 -34.84
N MET D 145 25.89 9.31 -34.90
CA MET D 145 25.80 10.29 -33.82
C MET D 145 24.54 10.08 -32.97
N ILE D 146 23.98 8.89 -33.02
CA ILE D 146 22.71 8.60 -32.35
C ILE D 146 22.88 8.59 -30.83
N GLY D 147 24.09 8.33 -30.36
CA GLY D 147 24.36 8.26 -28.93
C GLY D 147 24.38 9.63 -28.29
N GLN D 148 24.72 10.64 -29.07
CA GLN D 148 24.80 12.01 -28.56
C GLN D 148 23.43 12.55 -28.17
N PHE D 149 22.38 11.84 -28.59
CA PHE D 149 21.01 12.24 -28.29
C PHE D 149 20.40 11.35 -27.21
N GLY D 150 21.16 10.35 -26.77
CA GLY D 150 20.73 9.50 -25.68
C GLY D 150 19.78 8.39 -26.09
N VAL D 151 19.43 8.35 -27.37
CA VAL D 151 18.52 7.33 -27.88
C VAL D 151 19.28 6.27 -28.65
N GLY D 152 20.54 6.07 -28.29
CA GLY D 152 21.42 5.13 -28.97
C GLY D 152 20.95 3.69 -28.89
N PHE D 153 20.03 3.42 -27.96
CA PHE D 153 19.48 2.07 -27.80
C PHE D 153 18.77 1.60 -29.06
N TYR D 154 18.11 2.54 -29.75
CA TYR D 154 17.29 2.20 -30.91
C TYR D 154 18.13 1.96 -32.16
N SER D 155 19.45 2.03 -32.02
CA SER D 155 20.36 1.69 -33.10
C SER D 155 20.52 0.17 -33.20
N ALA D 156 19.90 -0.53 -32.26
CA ALA D 156 19.94 -1.99 -32.22
C ALA D 156 19.13 -2.59 -33.37
N TYR D 157 18.30 -1.77 -34.00
CA TYR D 157 17.46 -2.23 -35.11
C TYR D 157 18.16 -2.03 -36.44
N LEU D 158 19.45 -1.74 -36.40
CA LEU D 158 20.28 -1.69 -37.60
C LEU D 158 20.67 -3.10 -38.01
N VAL D 159 20.70 -4.01 -37.04
CA VAL D 159 21.15 -5.37 -37.25
C VAL D 159 20.11 -6.40 -36.79
N ALA D 160 19.15 -5.94 -36.00
CA ALA D 160 18.13 -6.84 -35.44
C ALA D 160 16.73 -6.43 -35.88
N GLU D 161 15.83 -7.41 -35.95
CA GLU D 161 14.46 -7.16 -36.33
C GLU D 161 13.52 -7.32 -35.13
N LYS D 162 14.09 -7.70 -33.99
CA LYS D 162 13.31 -7.90 -32.77
C LYS D 162 14.23 -7.87 -31.55
N VAL D 163 13.93 -6.99 -30.61
CA VAL D 163 14.75 -6.84 -29.41
C VAL D 163 13.98 -7.28 -28.16
N VAL D 164 14.61 -8.13 -27.37
CA VAL D 164 14.02 -8.59 -26.11
C VAL D 164 14.87 -8.14 -24.94
N VAL D 165 14.34 -7.22 -24.14
CA VAL D 165 15.10 -6.67 -23.01
C VAL D 165 14.63 -7.22 -21.67
N ILE D 166 15.47 -8.03 -21.05
CA ILE D 166 15.21 -8.54 -19.70
C ILE D 166 15.87 -7.63 -18.69
N THR D 167 15.17 -7.31 -17.61
CA THR D 167 15.68 -6.37 -16.62
C THR D 167 15.29 -6.76 -15.21
N LYS D 168 16.17 -6.49 -14.25
CA LYS D 168 15.88 -6.76 -12.85
C LYS D 168 16.49 -5.69 -11.95
N HIS D 169 15.65 -4.79 -11.46
CA HIS D 169 16.09 -3.77 -10.52
C HIS D 169 16.06 -4.35 -9.10
N ASN D 170 16.79 -3.73 -8.18
CA ASN D 170 16.82 -4.21 -6.80
C ASN D 170 15.50 -3.97 -6.09
N ASP D 171 14.86 -2.85 -6.38
CA ASP D 171 13.60 -2.48 -5.74
C ASP D 171 12.41 -3.21 -6.37
N ASP D 172 12.50 -3.47 -7.68
CA ASP D 172 11.41 -4.09 -8.41
C ASP D 172 11.72 -5.54 -8.76
N GLU D 173 10.82 -6.19 -9.48
CA GLU D 173 11.01 -7.57 -9.91
C GLU D 173 11.59 -7.63 -11.33
N GLN D 174 11.62 -8.83 -11.89
CA GLN D 174 12.19 -9.02 -13.22
C GLN D 174 11.10 -8.99 -14.29
N TYR D 175 11.30 -8.16 -15.31
CA TYR D 175 10.32 -7.97 -16.38
C TYR D 175 10.97 -8.12 -17.75
N ALA D 176 10.13 -8.35 -18.76
CA ALA D 176 10.61 -8.53 -20.13
C ALA D 176 10.08 -7.43 -21.05
N TRP D 177 10.95 -6.93 -21.93
CA TRP D 177 10.59 -5.88 -22.86
C TRP D 177 10.82 -6.34 -24.30
N GLU D 178 9.74 -6.45 -25.07
CA GLU D 178 9.84 -6.95 -26.44
C GLU D 178 9.20 -5.99 -27.45
N SER D 179 9.91 -5.74 -28.54
CA SER D 179 9.38 -4.93 -29.64
C SER D 179 9.98 -5.35 -30.97
N SER D 180 9.16 -5.33 -32.02
CA SER D 180 9.63 -5.65 -33.36
C SER D 180 9.55 -4.43 -34.26
N ALA D 181 9.48 -3.26 -33.63
CA ALA D 181 9.36 -1.97 -34.32
C ALA D 181 8.13 -1.91 -35.22
N GLY D 182 6.96 -2.12 -34.62
CA GLY D 182 5.71 -2.06 -35.34
C GLY D 182 4.82 -0.94 -34.84
N GLY D 183 5.28 -0.25 -33.81
CA GLY D 183 4.54 0.85 -33.23
C GLY D 183 4.19 0.61 -31.77
N SER D 184 4.39 -0.63 -31.33
CA SER D 184 4.05 -1.01 -29.97
C SER D 184 5.11 -1.95 -29.37
N PHE D 185 5.03 -2.17 -28.07
CA PHE D 185 5.93 -3.11 -27.40
C PHE D 185 5.23 -3.89 -26.28
N THR D 186 5.94 -4.85 -25.71
CA THR D 186 5.38 -5.76 -24.72
C THR D 186 6.16 -5.73 -23.41
N VAL D 187 5.46 -5.43 -22.31
CA VAL D 187 6.06 -5.50 -20.99
C VAL D 187 5.44 -6.64 -20.19
N ARG D 188 6.25 -7.64 -19.88
CA ARG D 188 5.77 -8.82 -19.17
C ARG D 188 6.74 -9.24 -18.07
N ALA D 189 6.20 -9.54 -16.90
CA ALA D 189 7.00 -10.05 -15.79
C ALA D 189 7.65 -11.37 -16.18
N ASP D 190 8.95 -11.31 -16.50
CA ASP D 190 9.66 -12.49 -16.98
C ASP D 190 9.84 -13.54 -15.89
N HIS D 191 9.50 -14.78 -16.23
CA HIS D 191 9.63 -15.89 -15.29
C HIS D 191 10.55 -16.97 -15.84
N GLY D 192 11.81 -16.61 -16.04
CA GLY D 192 12.81 -17.53 -16.53
C GLY D 192 14.05 -17.54 -15.66
N GLU D 193 15.21 -17.35 -16.29
CA GLU D 193 16.47 -17.30 -15.56
C GLU D 193 16.69 -15.90 -14.98
N PRO D 194 16.72 -15.81 -13.63
CA PRO D 194 16.93 -14.53 -12.95
C PRO D 194 18.33 -13.99 -13.19
N ILE D 195 18.50 -12.69 -13.04
CA ILE D 195 19.81 -12.07 -13.27
C ILE D 195 20.28 -11.29 -12.05
N GLY D 196 19.51 -11.33 -10.98
CA GLY D 196 19.86 -10.63 -9.74
C GLY D 196 19.77 -9.13 -9.86
N ARG D 197 20.57 -8.56 -10.76
CA ARG D 197 20.53 -7.14 -11.05
C ARG D 197 21.15 -6.86 -12.42
N GLY D 198 20.66 -5.84 -13.10
CA GLY D 198 21.20 -5.46 -14.40
C GLY D 198 20.19 -5.47 -15.51
N THR D 199 20.63 -5.80 -16.71
CA THR D 199 19.77 -5.79 -17.89
C THR D 199 20.30 -6.70 -18.99
N LYS D 200 19.44 -7.59 -19.48
CA LYS D 200 19.79 -8.43 -20.63
C LYS D 200 19.17 -7.85 -21.90
N VAL D 201 19.99 -7.70 -22.93
CA VAL D 201 19.50 -7.21 -24.22
C VAL D 201 19.69 -8.27 -25.31
N ILE D 202 18.61 -8.98 -25.61
CA ILE D 202 18.64 -10.06 -26.59
C ILE D 202 18.30 -9.54 -27.99
N LEU D 203 19.30 -9.50 -28.86
CA LEU D 203 19.11 -9.01 -30.22
C LEU D 203 18.90 -10.15 -31.21
N HIS D 204 17.66 -10.31 -31.67
CA HIS D 204 17.36 -11.27 -32.72
C HIS D 204 17.85 -10.72 -34.06
N LEU D 205 19.05 -11.13 -34.47
CA LEU D 205 19.68 -10.65 -35.69
C LEU D 205 18.92 -11.07 -36.94
N LYS D 206 18.96 -10.22 -37.96
CA LYS D 206 18.36 -10.53 -39.25
C LYS D 206 19.12 -11.68 -39.92
N GLU D 207 18.51 -12.26 -40.95
CA GLU D 207 19.21 -13.24 -41.77
C GLU D 207 20.27 -12.53 -42.60
N ASP D 208 20.03 -11.24 -42.84
CA ASP D 208 20.95 -10.40 -43.60
C ASP D 208 22.20 -10.07 -42.79
N GLN D 209 22.02 -9.85 -41.49
CA GLN D 209 23.12 -9.40 -40.64
C GLN D 209 23.59 -10.47 -39.66
N THR D 210 23.88 -11.66 -40.18
CA THR D 210 24.44 -12.73 -39.36
C THR D 210 25.95 -12.57 -39.26
N GLU D 211 26.44 -11.42 -39.71
CA GLU D 211 27.85 -11.08 -39.68
C GLU D 211 28.41 -11.02 -38.26
N TYR D 212 27.60 -10.49 -37.34
CA TYR D 212 28.05 -10.28 -35.97
C TYR D 212 27.76 -11.50 -35.09
N LEU D 213 28.18 -12.67 -35.55
CA LEU D 213 28.03 -13.90 -34.78
C LEU D 213 29.36 -14.63 -34.66
N GLU D 214 30.33 -14.19 -35.45
CA GLU D 214 31.66 -14.79 -35.45
C GLU D 214 32.53 -14.21 -34.34
N GLU D 215 33.36 -15.05 -33.73
CA GLU D 215 34.23 -14.63 -32.65
C GLU D 215 35.23 -13.56 -33.10
N ARG D 216 35.61 -13.61 -34.37
CA ARG D 216 36.54 -12.63 -34.93
C ARG D 216 35.85 -11.29 -35.17
N ARG D 217 34.59 -11.35 -35.58
CA ARG D 217 33.83 -10.15 -35.92
C ARG D 217 33.52 -9.30 -34.69
N VAL D 218 33.09 -9.95 -33.61
CA VAL D 218 32.75 -9.26 -32.38
C VAL D 218 33.95 -8.53 -31.80
N LYS D 219 35.06 -9.25 -31.66
CA LYS D 219 36.29 -8.69 -31.10
C LYS D 219 36.82 -7.53 -31.92
N GLU D 220 36.56 -7.56 -33.23
CA GLU D 220 36.98 -6.50 -34.13
C GLU D 220 36.27 -5.20 -33.82
N VAL D 221 34.97 -5.29 -33.56
CA VAL D 221 34.16 -4.11 -33.24
C VAL D 221 34.51 -3.56 -31.87
N VAL D 222 34.65 -4.45 -30.89
CA VAL D 222 34.96 -4.07 -29.52
C VAL D 222 36.31 -3.35 -29.43
N LYS D 223 37.32 -3.90 -30.10
CA LYS D 223 38.67 -3.33 -30.09
C LYS D 223 38.71 -1.98 -30.79
N LYS D 224 37.78 -1.76 -31.71
CA LYS D 224 37.75 -0.54 -32.50
C LYS D 224 37.05 0.61 -31.77
N HIS D 225 35.77 0.39 -31.45
CA HIS D 225 34.94 1.45 -30.88
C HIS D 225 34.99 1.48 -29.35
N SER D 226 34.46 0.44 -28.73
CA SER D 226 34.26 0.40 -27.29
C SER D 226 35.50 -0.02 -26.51
N GLN D 227 36.52 0.83 -26.51
CA GLN D 227 37.73 0.57 -25.74
C GLN D 227 37.89 1.64 -24.66
N PHE D 228 36.89 2.51 -24.54
CA PHE D 228 36.88 3.54 -23.52
C PHE D 228 36.18 3.04 -22.25
N ILE D 229 35.43 1.96 -22.40
CA ILE D 229 34.67 1.39 -21.30
C ILE D 229 35.56 0.90 -20.16
N GLY D 230 35.22 1.29 -18.94
CA GLY D 230 35.98 0.87 -17.77
C GLY D 230 35.38 -0.33 -17.07
N TYR D 231 34.95 -1.31 -17.86
CA TYR D 231 34.35 -2.53 -17.33
C TYR D 231 34.76 -3.75 -18.14
N PRO D 232 34.94 -4.90 -17.47
CA PRO D 232 35.40 -6.13 -18.14
C PRO D 232 34.39 -6.67 -19.15
N ILE D 233 34.74 -6.54 -20.43
CA ILE D 233 33.90 -7.07 -21.51
C ILE D 233 34.33 -8.47 -21.90
N THR D 234 33.63 -9.47 -21.35
CA THR D 234 33.97 -10.87 -21.64
C THR D 234 33.02 -11.47 -22.67
N LEU D 235 33.58 -12.28 -23.57
CA LEU D 235 32.81 -12.91 -24.64
C LEU D 235 32.62 -14.40 -24.37
N TYR D 236 31.41 -14.90 -24.62
CA TYR D 236 31.10 -16.31 -24.39
C TYR D 236 30.68 -17.00 -25.68
N LEU D 237 31.49 -17.96 -26.13
CA LEU D 237 31.21 -18.70 -27.36
C LEU D 237 30.35 -19.93 -27.10
#